data_6U8B
#
_entry.id   6U8B
#
_cell.length_a   46.603
_cell.length_b   47.166
_cell.length_c   68.458
_cell.angle_alpha   88.200
_cell.angle_beta   89.690
_cell.angle_gamma   75.090
#
_symmetry.space_group_name_H-M   'P 1'
#
loop_
_entity.id
_entity.type
_entity.pdbx_description
1 polymer 'WD repeat-containing protein 5'
2 non-polymer '3-{[(5-bromo-2-methoxyphenyl)sulfonyl]amino}-5-chloro-2-hydroxybenzoic acid'
3 water water
#
_entity_poly.entity_id   1
_entity_poly.type   'polypeptide(L)'
_entity_poly.pdbx_seq_one_letter_code
;TQSKPTPVKPNYALKFTLAGHTKAVSSVKFSPNGEWLASSSADKLIKIWGAYDGKFEKTISGHKLGISDVAWSSDSNLLV
SASDDKTLKIWDVSSGKCLKTLKGHSNYVFCCNFNPQSNLIVSGSFDESVRIWDVKTGKCLKTLPAHSDPVSAVHFNRDG
SLIVSSSYDGLCRIWDTASGQCLKTLIDDDNPPVSFVKFSPNGKYILAATLDNTLKLWDYSKGKCLKTYTGHKNEKYCIF
ANFSVTGGKWIVSGSEDNLVYIWNLQTKEIVQKLQGHTDVVISTACHPTENIIASAALENDKTIKLWKSDC
;
_entity_poly.pdbx_strand_id   A,B
#
loop_
_chem_comp.id
_chem_comp.type
_chem_comp.name
_chem_comp.formula
Q1M non-polymer '3-{[(5-bromo-2-methoxyphenyl)sulfonyl]amino}-5-chloro-2-hydroxybenzoic acid' 'C14 H11 Br Cl N O6 S'
#
# COMPACT_ATOMS: atom_id res chain seq x y z
N THR A 1 -18.86 19.58 -9.16
CA THR A 1 -18.78 18.23 -9.66
C THR A 1 -17.41 17.70 -9.32
N GLN A 2 -16.38 18.21 -9.98
CA GLN A 2 -14.99 17.80 -9.69
C GLN A 2 -14.34 18.82 -8.77
N SER A 3 -13.90 18.36 -7.61
CA SER A 3 -13.35 19.21 -6.57
C SER A 3 -12.06 18.66 -6.01
N LYS A 4 -11.22 19.54 -5.47
CA LYS A 4 -10.07 19.10 -4.70
C LYS A 4 -10.57 18.34 -3.44
N PRO A 5 -9.78 17.40 -2.96
CA PRO A 5 -10.24 16.70 -1.74
C PRO A 5 -10.29 17.66 -0.57
N THR A 6 -11.29 17.49 0.29
CA THR A 6 -11.34 18.28 1.52
C THR A 6 -10.15 17.86 2.38
N PRO A 7 -9.28 18.82 2.74
CA PRO A 7 -8.11 18.43 3.54
C PRO A 7 -8.49 17.83 4.88
N VAL A 8 -7.85 16.71 5.23
CA VAL A 8 -8.00 16.09 6.54
C VAL A 8 -6.63 15.55 6.96
N LYS A 9 -6.42 15.42 8.26
CA LYS A 9 -5.19 14.83 8.76
C LYS A 9 -5.08 13.39 8.24
N PRO A 10 -3.84 12.90 8.07
CA PRO A 10 -3.72 11.50 7.69
C PRO A 10 -3.94 10.64 8.92
N ASN A 11 -4.08 9.33 8.72
CA ASN A 11 -4.27 8.42 9.83
C ASN A 11 -3.36 7.22 9.73
N TYR A 12 -2.06 7.48 9.52
CA TYR A 12 -1.07 6.41 9.50
C TYR A 12 -1.18 5.56 10.76
N ALA A 13 -1.21 4.25 10.56
CA ALA A 13 -1.34 3.30 11.66
C ALA A 13 -0.38 2.15 11.40
N LEU A 14 0.17 1.59 12.47
CA LEU A 14 1.15 0.51 12.36
C LEU A 14 0.53 -0.73 11.75
N LYS A 15 1.15 -1.25 10.69
CA LYS A 15 0.71 -2.52 10.10
C LYS A 15 1.71 -3.65 10.32
N PHE A 16 3.01 -3.39 10.17
CA PHE A 16 4.00 -4.47 10.29
C PHE A 16 5.25 -3.96 10.97
N THR A 17 5.89 -4.85 11.71
CA THR A 17 7.22 -4.61 12.24
C THR A 17 8.16 -5.66 11.65
N LEU A 18 9.23 -5.17 11.04
CA LEU A 18 10.16 -5.97 10.26
C LEU A 18 11.44 -6.17 11.08
N ALA A 19 11.60 -7.38 11.62
CA ALA A 19 12.74 -7.71 12.48
C ALA A 19 13.72 -8.56 11.71
N GLY A 20 15.00 -8.46 12.07
CA GLY A 20 16.02 -9.31 11.49
C GLY A 20 17.38 -8.69 11.52
N HIS A 21 17.47 -7.36 11.42
CA HIS A 21 18.78 -6.73 11.61
C HIS A 21 19.26 -6.92 13.04
N THR A 22 20.57 -6.99 13.21
CA THR A 22 21.11 -7.28 14.53
C THR A 22 21.86 -6.10 15.14
N LYS A 23 21.92 -4.99 14.39
CA LYS A 23 22.44 -3.73 14.91
C LYS A 23 21.52 -2.64 14.38
N ALA A 24 21.83 -1.38 14.70
CA ALA A 24 21.03 -0.24 14.27
C ALA A 24 20.70 -0.33 12.78
N VAL A 25 19.46 0.00 12.44
CA VAL A 25 19.13 0.20 11.04
C VAL A 25 19.65 1.62 10.70
N SER A 26 20.09 1.82 9.46
CA SER A 26 20.62 3.12 9.05
C SER A 26 19.79 3.80 7.95
N SER A 27 19.09 3.01 7.14
N SER A 27 19.12 3.03 7.10
CA SER A 27 18.36 3.57 6.02
CA SER A 27 18.28 3.63 6.07
C SER A 27 17.26 2.62 5.53
C SER A 27 17.24 2.63 5.61
N VAL A 28 16.11 3.18 5.15
CA VAL A 28 15.08 2.42 4.47
C VAL A 28 14.67 3.19 3.22
N LYS A 29 14.42 2.47 2.13
CA LYS A 29 14.06 3.07 0.84
C LYS A 29 13.08 2.18 0.10
N PHE A 30 12.01 2.76 -0.41
CA PHE A 30 11.08 2.03 -1.29
C PHE A 30 11.60 1.99 -2.71
N SER A 31 11.45 0.85 -3.37
CA SER A 31 11.83 0.78 -4.77
C SER A 31 10.89 1.69 -5.58
N PRO A 32 11.39 2.26 -6.68
CA PRO A 32 10.54 3.14 -7.49
C PRO A 32 9.29 2.45 -8.01
N ASN A 33 9.33 1.14 -8.22
CA ASN A 33 8.14 0.45 -8.72
C ASN A 33 7.16 0.10 -7.61
N GLY A 34 7.47 0.48 -6.37
CA GLY A 34 6.55 0.31 -5.27
C GLY A 34 6.47 -1.07 -4.65
N GLU A 35 7.21 -2.03 -5.18
CA GLU A 35 7.03 -3.41 -4.72
C GLU A 35 7.85 -3.78 -3.49
N TRP A 36 8.97 -3.08 -3.28
CA TRP A 36 9.96 -3.51 -2.31
C TRP A 36 10.38 -2.37 -1.39
N LEU A 37 10.83 -2.77 -0.21
CA LEU A 37 11.55 -1.91 0.71
C LEU A 37 12.95 -2.49 0.89
N ALA A 38 13.98 -1.66 0.77
CA ALA A 38 15.34 -2.06 1.12
C ALA A 38 15.73 -1.39 2.43
N SER A 39 16.41 -2.13 3.29
CA SER A 39 16.96 -1.57 4.51
C SER A 39 18.45 -1.85 4.57
N SER A 40 19.19 -0.93 5.19
CA SER A 40 20.62 -1.14 5.46
C SER A 40 20.86 -1.02 6.95
N SER A 41 21.96 -1.60 7.40
CA SER A 41 22.25 -1.61 8.81
C SER A 41 23.74 -1.59 9.15
N ALA A 42 24.04 -1.16 10.37
CA ALA A 42 25.35 -1.29 10.97
C ALA A 42 25.79 -2.75 11.03
N ASP A 43 24.86 -3.70 10.87
CA ASP A 43 25.21 -5.12 10.90
C ASP A 43 25.80 -5.62 9.56
N LYS A 44 26.10 -4.69 8.64
N LYS A 44 25.96 -4.69 8.63
CA LYS A 44 26.76 -4.97 7.35
CA LYS A 44 26.74 -4.98 7.44
C LYS A 44 25.83 -5.57 6.31
C LYS A 44 25.86 -5.56 6.37
N LEU A 45 24.54 -5.66 6.62
CA LEU A 45 23.58 -6.29 5.73
C LEU A 45 22.59 -5.32 5.12
N ILE A 46 22.13 -5.72 3.94
CA ILE A 46 20.96 -5.15 3.29
C ILE A 46 19.86 -6.19 3.34
N LYS A 47 18.65 -5.77 3.67
CA LYS A 47 17.51 -6.70 3.58
C LYS A 47 16.43 -6.10 2.70
N ILE A 48 15.74 -7.00 2.02
CA ILE A 48 14.66 -6.65 1.10
C ILE A 48 13.36 -7.21 1.67
N TRP A 49 12.30 -6.40 1.63
CA TRP A 49 11.02 -6.72 2.24
C TRP A 49 9.92 -6.33 1.27
N GLY A 50 8.80 -7.05 1.29
CA GLY A 50 7.64 -6.65 0.50
C GLY A 50 7.06 -5.34 1.01
N ALA A 51 6.81 -4.39 0.11
CA ALA A 51 6.34 -3.07 0.51
C ALA A 51 4.91 -3.05 1.03
N TYR A 52 4.09 -3.99 0.58
CA TYR A 52 2.66 -3.99 0.92
C TYR A 52 2.36 -4.91 2.07
N ASP A 53 3.20 -5.93 2.29
CA ASP A 53 2.91 -6.92 3.32
C ASP A 53 4.04 -7.08 4.34
N GLY A 54 5.14 -6.35 4.15
CA GLY A 54 6.25 -6.40 5.10
C GLY A 54 7.03 -7.71 5.09
N LYS A 55 6.71 -8.61 4.17
CA LYS A 55 7.31 -9.93 4.24
C LYS A 55 8.77 -9.95 3.82
N PHE A 56 9.61 -10.56 4.65
CA PHE A 56 11.02 -10.71 4.34
C PHE A 56 11.23 -11.41 3.01
N GLU A 57 12.10 -10.85 2.17
CA GLU A 57 12.39 -11.42 0.87
C GLU A 57 13.79 -12.02 0.81
N LYS A 58 14.82 -11.23 1.16
CA LYS A 58 16.19 -11.73 1.12
C LYS A 58 17.14 -10.82 1.88
N THR A 59 18.31 -11.37 2.16
CA THR A 59 19.43 -10.64 2.73
C THR A 59 20.52 -10.56 1.69
N ILE A 60 21.13 -9.39 1.56
CA ILE A 60 22.22 -9.14 0.62
C ILE A 60 23.47 -8.79 1.45
N SER A 61 24.54 -9.53 1.24
N SER A 61 24.54 -9.56 1.22
CA SER A 61 25.74 -9.40 2.08
CA SER A 61 25.74 -9.50 2.06
C SER A 61 27.01 -9.31 1.26
C SER A 61 27.00 -9.27 1.23
N GLY A 62 28.03 -8.69 1.86
CA GLY A 62 29.33 -8.57 1.22
C GLY A 62 30.15 -7.43 1.75
N HIS A 63 29.54 -6.35 2.21
CA HIS A 63 30.33 -5.31 2.86
C HIS A 63 31.06 -5.86 4.09
N LYS A 64 32.22 -5.27 4.38
CA LYS A 64 33.07 -5.71 5.47
C LYS A 64 32.81 -4.96 6.77
N LEU A 65 32.13 -3.82 6.67
CA LEU A 65 31.77 -3.04 7.85
C LEU A 65 30.35 -2.52 7.63
N GLY A 66 29.81 -1.81 8.62
CA GLY A 66 28.44 -1.34 8.59
C GLY A 66 28.12 -0.48 7.38
N ILE A 67 26.84 -0.43 7.08
CA ILE A 67 26.32 0.33 5.93
C ILE A 67 25.51 1.50 6.46
N SER A 68 25.71 2.69 5.88
CA SER A 68 24.95 3.87 6.29
C SER A 68 23.77 4.22 5.38
N ASP A 69 23.80 3.76 4.14
CA ASP A 69 22.80 4.20 3.17
C ASP A 69 22.69 3.19 2.05
N VAL A 70 21.50 3.11 1.46
CA VAL A 70 21.26 2.30 0.28
C VAL A 70 20.33 3.11 -0.62
N ALA A 71 20.38 2.88 -1.93
CA ALA A 71 19.53 3.61 -2.87
C ALA A 71 19.24 2.74 -4.08
N TRP A 72 18.05 2.91 -4.64
CA TRP A 72 17.58 2.14 -5.79
C TRP A 72 17.86 2.82 -7.12
N SER A 73 18.10 2.02 -8.16
CA SER A 73 18.09 2.54 -9.51
C SER A 73 16.65 2.79 -9.96
N SER A 74 16.49 3.61 -10.99
CA SER A 74 15.15 3.96 -11.47
C SER A 74 14.31 2.77 -11.90
N ASP A 75 14.94 1.72 -12.41
CA ASP A 75 14.19 0.55 -12.88
C ASP A 75 13.98 -0.50 -11.79
N SER A 76 14.36 -0.16 -10.55
CA SER A 76 14.20 -1.02 -9.37
C SER A 76 15.01 -2.31 -9.41
N ASN A 77 15.95 -2.43 -10.35
CA ASN A 77 16.72 -3.66 -10.47
C ASN A 77 18.04 -3.64 -9.72
N LEU A 78 18.58 -2.45 -9.45
CA LEU A 78 19.86 -2.31 -8.78
C LEU A 78 19.73 -1.55 -7.46
N LEU A 79 20.65 -1.87 -6.55
CA LEU A 79 20.89 -1.07 -5.37
C LEU A 79 22.32 -0.61 -5.33
N VAL A 80 22.55 0.55 -4.74
CA VAL A 80 23.91 0.93 -4.36
C VAL A 80 23.90 1.14 -2.84
N SER A 81 24.97 0.72 -2.19
CA SER A 81 25.15 0.88 -0.76
C SER A 81 26.43 1.63 -0.44
N ALA A 82 26.41 2.37 0.66
CA ALA A 82 27.55 3.15 1.15
C ALA A 82 27.99 2.61 2.49
N SER A 83 29.27 2.26 2.64
CA SER A 83 29.73 1.55 3.82
C SER A 83 30.91 2.19 4.54
N ASP A 84 31.05 1.84 5.81
CA ASP A 84 32.21 2.21 6.61
C ASP A 84 33.47 1.52 6.10
N ASP A 85 33.34 0.50 5.26
CA ASP A 85 34.52 -0.12 4.68
C ASP A 85 35.14 0.73 3.54
N LYS A 86 34.63 1.96 3.37
CA LYS A 86 35.19 2.99 2.45
C LYS A 86 34.76 2.74 1.00
N THR A 87 33.91 1.74 0.77
CA THR A 87 33.45 1.44 -0.57
C THR A 87 31.96 1.69 -0.71
N LEU A 88 31.54 1.80 -1.96
CA LEU A 88 30.15 1.54 -2.32
C LEU A 88 30.09 0.23 -3.08
N LYS A 89 28.94 -0.43 -3.01
CA LYS A 89 28.72 -1.61 -3.83
C LYS A 89 27.44 -1.45 -4.62
N ILE A 90 27.48 -1.92 -5.86
CA ILE A 90 26.30 -1.99 -6.73
C ILE A 90 25.86 -3.44 -6.75
N TRP A 91 24.57 -3.64 -6.47
CA TRP A 91 23.98 -4.96 -6.30
C TRP A 91 22.90 -5.22 -7.33
N ASP A 92 22.85 -6.45 -7.84
CA ASP A 92 21.71 -6.93 -8.57
C ASP A 92 20.72 -7.46 -7.54
N VAL A 93 19.57 -6.80 -7.41
CA VAL A 93 18.65 -7.17 -6.35
C VAL A 93 18.07 -8.57 -6.56
N SER A 94 17.78 -8.93 -7.81
N SER A 94 17.82 -8.94 -7.81
CA SER A 94 17.21 -10.26 -8.07
CA SER A 94 17.23 -10.25 -8.12
C SER A 94 18.15 -11.39 -7.64
C SER A 94 18.13 -11.43 -7.77
N SER A 95 19.43 -11.27 -7.97
CA SER A 95 20.37 -12.34 -7.64
C SER A 95 21.04 -12.14 -6.27
N GLY A 96 21.00 -10.92 -5.73
CA GLY A 96 21.75 -10.60 -4.53
C GLY A 96 23.25 -10.43 -4.73
N LYS A 97 23.72 -10.46 -5.98
CA LYS A 97 25.15 -10.42 -6.21
C LYS A 97 25.69 -9.01 -6.30
N CYS A 98 26.92 -8.84 -5.79
CA CYS A 98 27.66 -7.61 -5.94
C CYS A 98 28.19 -7.54 -7.35
N LEU A 99 27.75 -6.55 -8.12
CA LEU A 99 28.22 -6.38 -9.50
C LEU A 99 29.53 -5.62 -9.59
N LYS A 100 29.65 -4.58 -8.77
CA LYS A 100 30.78 -3.65 -8.76
C LYS A 100 31.06 -3.18 -7.35
N THR A 101 32.34 -2.96 -7.05
CA THR A 101 32.72 -2.28 -5.83
C THR A 101 33.41 -0.99 -6.24
N LEU A 102 32.91 0.13 -5.72
CA LEU A 102 33.37 1.47 -6.08
C LEU A 102 34.36 1.92 -5.04
N LYS A 103 35.61 1.95 -5.44
CA LYS A 103 36.74 2.29 -4.56
C LYS A 103 37.32 3.66 -4.86
N GLY A 104 37.66 4.39 -3.80
CA GLY A 104 38.30 5.67 -3.98
C GLY A 104 38.18 6.56 -2.75
N HIS A 105 37.05 6.48 -2.06
CA HIS A 105 36.96 7.24 -0.80
C HIS A 105 38.00 6.77 0.21
N SER A 106 38.45 7.70 1.06
CA SER A 106 39.50 7.39 2.03
C SER A 106 38.95 7.30 3.46
N ASN A 107 37.63 7.35 3.62
CA ASN A 107 37.02 7.16 4.92
C ASN A 107 35.60 6.67 4.69
N TYR A 108 34.81 6.54 5.76
CA TYR A 108 33.45 6.00 5.67
C TYR A 108 32.65 6.66 4.55
N VAL A 109 31.90 5.87 3.79
CA VAL A 109 30.98 6.45 2.80
C VAL A 109 29.63 6.54 3.50
N PHE A 110 29.09 7.74 3.57
CA PHE A 110 27.86 7.97 4.34
C PHE A 110 26.53 8.04 3.62
N CYS A 111 26.60 8.43 2.38
CA CYS A 111 25.37 8.68 1.62
C CYS A 111 25.60 8.39 0.15
N CYS A 112 24.53 8.04 -0.55
CA CYS A 112 24.60 7.70 -1.95
C CYS A 112 23.25 7.80 -2.65
N ASN A 113 23.31 7.98 -3.96
CA ASN A 113 22.11 8.00 -4.77
C ASN A 113 22.48 7.75 -6.23
N PHE A 114 21.61 7.06 -6.97
CA PHE A 114 21.69 7.05 -8.44
C PHE A 114 21.14 8.38 -8.96
N ASN A 115 21.56 8.79 -10.14
CA ASN A 115 20.79 9.82 -10.83
C ASN A 115 19.54 9.15 -11.43
N PRO A 116 18.53 9.95 -11.84
CA PRO A 116 17.33 9.31 -12.39
C PRO A 116 17.63 8.47 -13.64
N GLN A 117 18.54 8.90 -14.51
CA GLN A 117 18.89 8.06 -15.66
C GLN A 117 19.49 6.74 -15.21
N SER A 118 20.14 6.79 -14.04
CA SER A 118 20.79 5.68 -13.33
C SER A 118 22.04 5.16 -14.05
N ASN A 119 22.64 6.04 -14.87
CA ASN A 119 23.99 5.79 -15.38
C ASN A 119 25.09 6.31 -14.44
N LEU A 120 24.72 7.13 -13.45
CA LEU A 120 25.67 7.66 -12.48
C LEU A 120 25.23 7.36 -11.07
N ILE A 121 26.22 7.32 -10.18
CA ILE A 121 26.00 7.33 -8.75
C ILE A 121 26.76 8.50 -8.14
N VAL A 122 26.15 9.18 -7.16
CA VAL A 122 26.86 10.18 -6.36
C VAL A 122 27.00 9.64 -4.94
N SER A 123 28.15 9.96 -4.33
CA SER A 123 28.42 9.53 -2.96
C SER A 123 29.00 10.67 -2.15
N GLY A 124 28.80 10.65 -0.84
CA GLY A 124 29.36 11.60 0.11
C GLY A 124 30.06 10.80 1.21
N SER A 125 31.15 11.33 1.72
CA SER A 125 31.96 10.61 2.70
C SER A 125 32.44 11.47 3.82
N PHE A 126 32.87 10.75 4.85
CA PHE A 126 33.55 11.32 6.02
C PHE A 126 34.87 11.94 5.56
N ASP A 127 35.35 11.53 4.40
CA ASP A 127 36.59 12.13 3.80
C ASP A 127 36.37 13.58 3.26
N GLU A 128 35.12 14.06 3.33
CA GLU A 128 34.74 15.45 3.01
C GLU A 128 34.59 15.71 1.52
N SER A 129 34.63 14.64 0.76
CA SER A 129 34.43 14.74 -0.69
C SER A 129 33.09 14.15 -1.13
N VAL A 130 32.69 14.58 -2.32
CA VAL A 130 31.59 13.99 -3.07
C VAL A 130 32.21 13.34 -4.29
N ARG A 131 31.84 12.11 -4.61
CA ARG A 131 32.34 11.48 -5.82
C ARG A 131 31.18 11.14 -6.76
N ILE A 132 31.47 11.22 -8.06
CA ILE A 132 30.51 10.87 -9.10
C ILE A 132 31.09 9.67 -9.83
N TRP A 133 30.29 8.62 -9.96
CA TRP A 133 30.77 7.33 -10.44
C TRP A 133 29.99 6.91 -11.68
N ASP A 134 30.68 6.25 -12.60
CA ASP A 134 30.02 5.67 -13.75
C ASP A 134 29.53 4.27 -13.36
N VAL A 135 28.23 4.02 -13.47
CA VAL A 135 27.65 2.75 -13.08
C VAL A 135 28.16 1.59 -13.93
N LYS A 136 28.27 1.82 -15.24
CA LYS A 136 28.62 0.72 -16.15
C LYS A 136 30.08 0.27 -16.03
N THR A 137 31.00 1.21 -15.90
CA THR A 137 32.42 0.84 -15.79
C THR A 137 32.83 0.67 -14.34
N GLY A 138 32.02 1.21 -13.43
CA GLY A 138 32.36 1.15 -12.01
C GLY A 138 33.51 2.01 -11.58
N LYS A 139 33.87 2.99 -12.41
CA LYS A 139 34.99 3.88 -12.11
C LYS A 139 34.51 5.24 -11.64
N CYS A 140 35.35 5.88 -10.84
CA CYS A 140 35.08 7.24 -10.41
C CYS A 140 35.31 8.18 -11.60
N LEU A 141 34.35 9.07 -11.86
CA LEU A 141 34.51 10.07 -12.90
C LEU A 141 35.08 11.37 -12.37
N LYS A 142 34.59 11.81 -11.21
CA LYS A 142 35.01 13.07 -10.62
C LYS A 142 35.03 12.98 -9.11
N THR A 143 35.98 13.68 -8.51
CA THR A 143 36.04 13.85 -7.06
C THR A 143 35.92 15.34 -6.76
N LEU A 144 34.90 15.71 -6.00
CA LEU A 144 34.65 17.13 -5.70
C LEU A 144 35.10 17.40 -4.29
N PRO A 145 35.95 18.42 -4.08
CA PRO A 145 36.39 18.75 -2.71
C PRO A 145 35.27 19.56 -2.07
N ALA A 146 34.19 18.87 -1.73
CA ALA A 146 32.90 19.54 -1.59
C ALA A 146 32.75 20.31 -0.29
N HIS A 147 33.35 19.80 0.77
CA HIS A 147 33.05 20.30 2.13
C HIS A 147 34.30 20.23 3.00
N SER A 148 34.21 20.77 4.22
CA SER A 148 35.35 20.76 5.13
C SER A 148 35.02 19.95 6.38
N ASP A 149 34.03 19.07 6.26
CA ASP A 149 33.65 18.16 7.34
C ASP A 149 32.86 17.04 6.65
N PRO A 150 32.51 15.96 7.38
CA PRO A 150 31.79 14.87 6.69
C PRO A 150 30.55 15.32 5.93
N VAL A 151 30.34 14.66 4.78
CA VAL A 151 29.20 14.93 3.90
C VAL A 151 28.03 14.07 4.34
N SER A 152 26.93 14.71 4.70
CA SER A 152 25.80 14.02 5.29
C SER A 152 24.74 13.56 4.28
N ALA A 153 24.65 14.20 3.12
CA ALA A 153 23.64 13.83 2.14
C ALA A 153 24.08 14.29 0.77
N VAL A 154 23.62 13.56 -0.24
CA VAL A 154 23.81 13.90 -1.66
C VAL A 154 22.57 13.48 -2.43
N HIS A 155 22.10 14.33 -3.35
CA HIS A 155 20.88 14.05 -4.08
C HIS A 155 20.93 14.70 -5.44
N PHE A 156 20.46 13.99 -6.46
CA PHE A 156 20.32 14.56 -7.81
C PHE A 156 18.95 15.18 -8.00
N ASN A 157 18.86 16.22 -8.82
CA ASN A 157 17.54 16.68 -9.25
C ASN A 157 16.99 15.78 -10.38
N ARG A 158 15.78 16.09 -10.83
CA ARG A 158 15.05 15.21 -11.75
C ARG A 158 15.74 14.87 -13.05
N ASP A 159 16.42 15.83 -13.64
CA ASP A 159 17.10 15.57 -14.91
C ASP A 159 18.59 15.25 -14.68
N GLY A 160 19.01 15.10 -13.42
CA GLY A 160 20.36 14.71 -13.11
C GLY A 160 21.40 15.77 -13.36
N SER A 161 20.99 17.00 -13.69
CA SER A 161 21.96 18.05 -14.04
C SER A 161 22.59 18.69 -12.80
N LEU A 162 21.93 18.56 -11.66
CA LEU A 162 22.40 19.13 -10.40
C LEU A 162 22.52 18.08 -9.33
N ILE A 163 23.48 18.31 -8.44
CA ILE A 163 23.63 17.58 -7.18
C ILE A 163 23.53 18.57 -6.04
N VAL A 164 22.76 18.26 -5.02
CA VAL A 164 22.85 19.03 -3.79
C VAL A 164 23.54 18.18 -2.73
N SER A 165 24.45 18.81 -2.00
CA SER A 165 25.16 18.15 -0.89
C SER A 165 25.03 18.96 0.39
N SER A 166 25.10 18.27 1.52
CA SER A 166 25.11 18.90 2.81
C SER A 166 26.24 18.35 3.63
N SER A 167 26.61 19.11 4.66
CA SER A 167 27.72 18.70 5.51
C SER A 167 27.60 19.24 6.92
N TYR A 168 28.27 18.54 7.83
CA TYR A 168 28.50 19.02 9.16
C TYR A 168 29.23 20.36 9.19
N ASP A 169 29.85 20.78 8.09
CA ASP A 169 30.51 22.09 8.04
C ASP A 169 29.48 23.24 8.04
N GLY A 170 28.19 22.91 7.97
CA GLY A 170 27.15 23.94 8.04
C GLY A 170 26.66 24.41 6.69
N LEU A 171 27.20 23.86 5.61
CA LEU A 171 26.85 24.29 4.26
C LEU A 171 25.96 23.30 3.52
N CYS A 172 25.15 23.88 2.65
CA CYS A 172 24.52 23.16 1.53
CA CYS A 172 24.56 23.23 1.47
C CYS A 172 25.12 23.72 0.27
N ARG A 173 25.50 22.86 -0.67
CA ARG A 173 26.04 23.32 -1.94
C ARG A 173 25.34 22.65 -3.10
N ILE A 174 25.22 23.39 -4.20
CA ILE A 174 24.63 22.89 -5.43
C ILE A 174 25.74 22.78 -6.45
N TRP A 175 25.84 21.63 -7.09
CA TRP A 175 26.90 21.30 -8.03
C TRP A 175 26.33 21.02 -9.40
N ASP A 176 27.07 21.43 -10.42
CA ASP A 176 26.81 21.03 -11.78
C ASP A 176 27.34 19.64 -12.02
N THR A 177 26.47 18.66 -12.29
CA THR A 177 26.94 17.29 -12.44
C THR A 177 27.98 17.15 -13.54
N ALA A 178 27.73 17.76 -14.69
CA ALA A 178 28.56 17.54 -15.86
C ALA A 178 29.99 17.99 -15.67
N SER A 179 30.19 19.12 -14.99
CA SER A 179 31.53 19.69 -14.81
C SER A 179 32.08 19.46 -13.41
N GLY A 180 31.22 19.11 -12.46
CA GLY A 180 31.63 19.02 -11.07
C GLY A 180 31.80 20.36 -10.36
N GLN A 181 31.52 21.48 -11.03
CA GLN A 181 31.78 22.78 -10.44
C GLN A 181 30.59 23.27 -9.61
N CYS A 182 30.89 24.07 -8.60
CA CYS A 182 29.88 24.56 -7.68
C CYS A 182 29.08 25.71 -8.31
N LEU A 183 27.76 25.57 -8.26
CA LEU A 183 26.84 26.59 -8.73
C LEU A 183 26.44 27.57 -7.63
N LYS A 184 26.28 27.10 -6.40
CA LYS A 184 25.81 27.91 -5.31
C LYS A 184 26.16 27.28 -3.96
N THR A 185 26.43 28.15 -3.01
CA THR A 185 26.60 27.74 -1.63
C THR A 185 25.52 28.45 -0.81
N LEU A 186 24.75 27.72 -0.04
CA LEU A 186 23.79 28.26 0.88
C LEU A 186 24.36 28.23 2.34
N ILE A 187 24.32 29.39 2.94
CA ILE A 187 24.75 29.53 4.31
C ILE A 187 23.79 30.51 4.99
N ASN A 191 25.29 28.78 11.58
CA ASN A 191 26.02 27.79 10.85
C ASN A 191 25.91 26.37 11.47
N PRO A 192 24.71 25.92 11.88
CA PRO A 192 24.61 24.58 12.48
C PRO A 192 24.91 23.48 11.47
N PRO A 193 25.41 22.33 11.94
CA PRO A 193 25.63 21.22 11.01
C PRO A 193 24.38 20.90 10.20
N VAL A 194 24.54 20.70 8.90
CA VAL A 194 23.44 20.29 8.03
C VAL A 194 23.52 18.79 7.88
N SER A 195 22.46 18.12 8.32
CA SER A 195 22.46 16.66 8.47
C SER A 195 21.70 15.92 7.40
N PHE A 196 20.98 16.65 6.55
CA PHE A 196 20.22 16.07 5.46
C PHE A 196 19.84 17.15 4.48
N VAL A 197 19.79 16.81 3.20
CA VAL A 197 19.22 17.69 2.19
C VAL A 197 18.72 16.87 1.01
N LYS A 198 17.68 17.37 0.35
CA LYS A 198 17.25 16.83 -0.94
C LYS A 198 16.46 17.87 -1.71
N PHE A 199 16.39 17.70 -3.03
CA PHE A 199 15.54 18.53 -3.85
C PHE A 199 14.05 18.25 -3.65
N SER A 200 13.23 19.29 -3.84
CA SER A 200 11.78 19.19 -3.73
C SER A 200 11.13 18.65 -5.00
N PRO A 201 9.85 18.22 -4.92
CA PRO A 201 9.17 17.66 -6.08
C PRO A 201 9.09 18.62 -7.28
N ASN A 202 9.00 19.92 -7.05
CA ASN A 202 8.92 20.85 -8.18
C ASN A 202 10.29 21.27 -8.70
N GLY A 203 11.34 20.75 -8.06
CA GLY A 203 12.72 20.96 -8.48
C GLY A 203 13.32 22.30 -8.11
N LYS A 204 12.56 23.16 -7.43
CA LYS A 204 12.96 24.53 -7.17
C LYS A 204 13.47 24.76 -5.75
N TYR A 205 13.16 23.83 -4.85
CA TYR A 205 13.49 24.01 -3.44
C TYR A 205 14.38 22.88 -2.95
N ILE A 206 15.03 23.11 -1.82
N ILE A 206 15.03 23.07 -1.81
CA ILE A 206 15.71 22.04 -1.12
CA ILE A 206 15.70 22.04 -1.10
C ILE A 206 15.15 21.98 0.31
C ILE A 206 15.09 21.99 0.30
N LEU A 207 14.98 20.76 0.80
CA LEU A 207 14.58 20.49 2.16
C LEU A 207 15.84 20.12 2.93
N ALA A 208 16.18 20.90 3.96
CA ALA A 208 17.42 20.72 4.70
C ALA A 208 17.15 20.57 6.20
N ALA A 209 17.77 19.56 6.80
CA ALA A 209 17.76 19.39 8.25
C ALA A 209 19.05 19.92 8.85
N THR A 210 18.92 20.59 9.99
CA THR A 210 20.08 21.02 10.75
C THR A 210 19.99 20.48 12.18
N LEU A 211 21.15 20.31 12.82
CA LEU A 211 21.21 19.65 14.14
C LEU A 211 20.89 20.63 15.28
N ASP A 212 19.87 21.44 15.04
CA ASP A 212 19.25 22.31 16.04
C ASP A 212 17.74 22.08 16.00
N ASN A 213 17.32 20.83 15.77
CA ASN A 213 15.91 20.46 15.87
C ASN A 213 15.05 21.16 14.82
N THR A 214 15.61 21.37 13.63
CA THR A 214 14.92 22.19 12.64
C THR A 214 15.05 21.65 11.23
N LEU A 215 13.93 21.66 10.51
CA LEU A 215 13.86 21.41 9.06
C LEU A 215 13.45 22.68 8.37
N LYS A 216 14.05 22.97 7.22
CA LYS A 216 13.71 24.17 6.46
C LYS A 216 13.56 23.84 4.99
N LEU A 217 12.60 24.49 4.36
CA LEU A 217 12.42 24.43 2.91
C LEU A 217 12.98 25.71 2.31
N TRP A 218 14.03 25.59 1.49
CA TRP A 218 14.73 26.76 0.92
C TRP A 218 14.49 26.88 -0.57
N ASP A 219 14.25 28.09 -1.04
CA ASP A 219 14.41 28.36 -2.48
C ASP A 219 15.90 28.60 -2.74
N TYR A 220 16.58 27.65 -3.36
CA TYR A 220 18.05 27.69 -3.39
C TYR A 220 18.57 28.73 -4.37
N SER A 221 17.78 29.05 -5.38
CA SER A 221 18.20 30.05 -6.36
C SER A 221 18.11 31.44 -5.73
N LYS A 222 17.04 31.68 -4.97
CA LYS A 222 16.83 32.97 -4.31
C LYS A 222 17.52 33.07 -2.96
N GLY A 223 17.93 31.92 -2.42
CA GLY A 223 18.55 31.89 -1.10
C GLY A 223 17.61 32.31 0.01
N LYS A 224 16.34 31.94 -0.11
CA LYS A 224 15.31 32.33 0.83
C LYS A 224 14.64 31.13 1.47
N CYS A 225 14.44 31.21 2.79
CA CYS A 225 13.75 30.16 3.52
C CYS A 225 12.23 30.36 3.42
N LEU A 226 11.54 29.34 2.91
CA LEU A 226 10.09 29.43 2.70
C LEU A 226 9.26 28.87 3.84
N LYS A 227 9.74 27.79 4.48
CA LYS A 227 9.04 27.12 5.56
C LYS A 227 10.04 26.56 6.56
N THR A 228 9.64 26.52 7.82
CA THR A 228 10.44 25.94 8.90
C THR A 228 9.55 24.98 9.67
N TYR A 229 10.07 23.78 9.94
CA TYR A 229 9.32 22.73 10.64
C TYR A 229 10.07 22.36 11.91
N THR A 230 9.38 22.45 13.03
CA THR A 230 9.97 22.12 14.32
C THR A 230 8.98 21.32 15.16
N GLY A 231 9.45 20.85 16.31
CA GLY A 231 8.67 20.04 17.24
C GLY A 231 9.32 18.69 17.47
N HIS A 232 10.14 18.25 16.53
CA HIS A 232 10.89 17.00 16.69
C HIS A 232 12.21 17.25 17.39
N LYS A 233 12.95 16.18 17.62
CA LYS A 233 14.24 16.28 18.30
C LYS A 233 15.33 15.83 17.35
N ASN A 234 16.29 16.71 17.08
CA ASN A 234 17.37 16.34 16.20
C ASN A 234 18.60 17.19 16.48
N GLU A 235 19.47 16.69 17.36
CA GLU A 235 20.71 17.37 17.71
C GLU A 235 21.94 16.52 17.47
N LYS A 236 21.76 15.25 17.10
CA LYS A 236 22.90 14.34 17.04
C LYS A 236 23.03 13.55 15.75
N TYR A 237 21.94 12.97 15.28
CA TYR A 237 22.01 12.00 14.19
C TYR A 237 21.59 12.60 12.86
N CYS A 238 22.14 12.05 11.79
CA CYS A 238 21.67 12.43 10.47
C CYS A 238 20.40 11.66 10.15
N ILE A 239 19.29 12.37 10.26
CA ILE A 239 17.97 11.82 10.09
C ILE A 239 17.38 12.30 8.79
N PHE A 240 16.96 11.36 7.95
N PHE A 240 16.94 11.37 7.96
CA PHE A 240 16.32 11.65 6.66
CA PHE A 240 16.35 11.66 6.67
C PHE A 240 15.05 12.47 6.84
C PHE A 240 15.06 12.46 6.84
N ALA A 241 14.65 13.18 5.80
CA ALA A 241 13.32 13.78 5.78
C ALA A 241 12.73 13.51 4.40
N ASN A 242 11.40 13.51 4.32
CA ASN A 242 10.71 13.18 3.07
C ASN A 242 9.62 14.17 2.75
N PHE A 243 9.34 14.27 1.45
CA PHE A 243 8.09 14.83 0.95
C PHE A 243 7.09 13.70 0.74
N SER A 244 5.92 13.78 1.35
CA SER A 244 4.87 12.81 1.07
C SER A 244 3.94 13.38 0.00
N VAL A 245 3.97 12.74 -1.17
CA VAL A 245 3.36 13.31 -2.38
C VAL A 245 2.14 12.54 -2.89
N THR A 246 1.77 11.47 -2.20
CA THR A 246 0.72 10.57 -2.69
C THR A 246 -0.69 11.02 -2.28
N GLY A 247 -0.81 11.63 -1.11
CA GLY A 247 -2.08 12.08 -0.56
C GLY A 247 -1.98 13.56 -0.22
N GLY A 248 -2.29 13.92 1.02
CA GLY A 248 -2.05 15.28 1.51
C GLY A 248 -0.57 15.65 1.44
N LYS A 249 -0.29 16.93 1.29
CA LYS A 249 1.09 17.37 1.17
C LYS A 249 1.73 17.46 2.53
N TRP A 250 2.59 16.49 2.83
CA TRP A 250 3.25 16.43 4.13
C TRP A 250 4.76 16.43 4.00
N ILE A 251 5.39 16.83 5.10
CA ILE A 251 6.80 16.60 5.36
C ILE A 251 6.86 15.50 6.44
N VAL A 252 7.76 14.52 6.27
CA VAL A 252 7.89 13.39 7.18
C VAL A 252 9.34 13.31 7.67
N SER A 253 9.54 13.08 8.97
CA SER A 253 10.91 12.88 9.47
C SER A 253 10.90 11.99 10.67
N GLY A 254 12.01 11.28 10.88
CA GLY A 254 12.27 10.69 12.18
C GLY A 254 12.70 11.72 13.20
N SER A 255 13.03 11.22 14.38
CA SER A 255 13.28 12.06 15.54
C SER A 255 13.99 11.29 16.63
N GLU A 256 14.74 12.02 17.44
CA GLU A 256 15.50 11.41 18.52
C GLU A 256 14.66 11.13 19.76
N ASP A 257 13.36 11.46 19.71
CA ASP A 257 12.44 11.05 20.76
C ASP A 257 11.63 9.82 20.36
N ASN A 258 12.10 9.10 19.33
CA ASN A 258 11.59 7.77 18.94
C ASN A 258 10.26 7.82 18.18
N LEU A 259 9.87 9.02 17.74
CA LEU A 259 8.63 9.21 16.98
C LEU A 259 8.90 9.54 15.52
N VAL A 260 7.93 9.20 14.66
CA VAL A 260 7.88 9.75 13.31
C VAL A 260 6.99 10.98 13.34
N TYR A 261 7.50 12.10 12.84
CA TYR A 261 6.74 13.34 12.74
C TYR A 261 6.22 13.57 11.33
N ILE A 262 4.99 14.08 11.24
CA ILE A 262 4.37 14.41 9.97
C ILE A 262 3.82 15.82 10.10
N TRP A 263 4.24 16.72 9.20
CA TRP A 263 3.79 18.10 9.22
C TRP A 263 3.00 18.42 7.96
N ASN A 264 2.05 19.35 8.11
CA ASN A 264 1.41 20.02 6.98
C ASN A 264 2.45 20.90 6.27
N LEU A 265 2.70 20.63 4.99
CA LEU A 265 3.70 21.36 4.21
C LEU A 265 3.53 22.88 4.30
N GLN A 266 2.29 23.35 4.17
CA GLN A 266 2.04 24.79 4.08
C GLN A 266 1.92 25.47 5.43
N THR A 267 1.20 24.85 6.35
CA THR A 267 0.93 25.52 7.63
C THR A 267 2.03 25.24 8.65
N LYS A 268 2.81 24.20 8.40
CA LYS A 268 3.92 23.79 9.27
C LYS A 268 3.42 23.18 10.59
N GLU A 269 2.12 22.95 10.70
CA GLU A 269 1.59 22.29 11.89
C GLU A 269 1.85 20.80 11.84
N ILE A 270 2.15 20.23 13.00
CA ILE A 270 2.28 18.77 13.13
C ILE A 270 0.89 18.16 13.02
N VAL A 271 0.74 17.20 12.11
CA VAL A 271 -0.56 16.56 11.93
C VAL A 271 -0.60 15.13 12.49
N GLN A 272 0.56 14.48 12.66
CA GLN A 272 0.59 13.16 13.29
C GLN A 272 1.97 12.92 13.87
N LYS A 273 2.01 12.16 14.95
CA LYS A 273 3.26 11.62 15.50
C LYS A 273 3.06 10.12 15.63
N LEU A 274 3.91 9.32 15.00
CA LEU A 274 3.72 7.87 14.99
C LEU A 274 4.55 7.24 16.08
N GLN A 275 3.87 6.57 17.00
CA GLN A 275 4.48 5.98 18.17
C GLN A 275 4.61 4.47 18.04
N GLY A 276 5.77 3.95 18.44
CA GLY A 276 5.98 2.52 18.47
C GLY A 276 7.44 2.13 18.57
N HIS A 277 8.33 2.88 17.94
CA HIS A 277 9.76 2.59 18.05
C HIS A 277 10.27 2.85 19.46
N THR A 278 11.36 2.17 19.81
CA THR A 278 11.94 2.28 21.15
C THR A 278 13.37 2.78 21.11
N ASP A 279 13.74 3.40 20.00
CA ASP A 279 15.00 4.13 19.90
C ASP A 279 14.82 5.19 18.83
N VAL A 280 15.85 6.01 18.64
CA VAL A 280 15.85 7.05 17.63
C VAL A 280 15.39 6.54 16.27
N VAL A 281 14.47 7.27 15.65
CA VAL A 281 14.02 6.95 14.30
C VAL A 281 14.93 7.70 13.35
N ILE A 282 15.87 6.96 12.77
CA ILE A 282 16.95 7.54 11.99
C ILE A 282 16.59 7.73 10.52
N SER A 283 15.60 6.97 10.06
CA SER A 283 15.24 6.98 8.64
C SER A 283 13.76 6.74 8.47
N THR A 284 13.20 7.47 7.52
CA THR A 284 11.83 7.28 7.09
C THR A 284 11.82 7.32 5.57
N ALA A 285 10.80 6.70 4.98
CA ALA A 285 10.60 6.69 3.53
C ALA A 285 9.10 6.71 3.27
N CYS A 286 8.73 7.34 2.16
CA CYS A 286 7.35 7.42 1.70
C CYS A 286 7.20 6.63 0.40
N HIS A 287 6.19 5.76 0.35
CA HIS A 287 5.94 4.93 -0.82
C HIS A 287 5.60 5.80 -2.04
N PRO A 288 6.05 5.39 -3.25
CA PRO A 288 5.92 6.30 -4.39
C PRO A 288 4.50 6.50 -4.91
N THR A 289 3.58 5.57 -4.64
CA THR A 289 2.23 5.74 -5.17
C THR A 289 1.15 5.57 -4.12
N GLU A 290 1.41 4.86 -3.03
CA GLU A 290 0.45 4.63 -1.97
C GLU A 290 0.81 5.36 -0.69
N ASN A 291 -0.16 5.54 0.17
CA ASN A 291 0.05 6.23 1.44
C ASN A 291 0.58 5.24 2.46
N ILE A 292 1.88 4.98 2.33
CA ILE A 292 2.61 4.04 3.16
C ILE A 292 3.93 4.70 3.58
N ILE A 293 4.23 4.65 4.88
CA ILE A 293 5.52 5.15 5.39
C ILE A 293 6.28 3.97 5.99
N ALA A 294 7.59 3.92 5.73
CA ALA A 294 8.50 3.03 6.44
C ALA A 294 9.36 3.85 7.38
N SER A 295 9.64 3.32 8.56
CA SER A 295 10.52 3.97 9.52
C SER A 295 11.50 2.95 10.08
N ALA A 296 12.66 3.42 10.51
CA ALA A 296 13.69 2.54 11.02
C ALA A 296 14.41 3.18 12.20
N ALA A 297 14.85 2.32 13.13
CA ALA A 297 15.38 2.80 14.39
C ALA A 297 16.75 2.23 14.76
N LEU A 298 17.36 2.91 15.74
CA LEU A 298 18.70 2.58 16.19
C LEU A 298 18.71 1.34 17.11
N GLU A 299 19.86 1.08 17.73
CA GLU A 299 20.14 -0.29 18.16
C GLU A 299 19.38 -0.82 19.37
N ASN A 300 18.66 0.01 20.12
CA ASN A 300 17.78 -0.55 21.16
C ASN A 300 16.55 -1.19 20.52
N ASP A 301 16.28 -0.84 19.27
CA ASP A 301 15.07 -1.22 18.58
C ASP A 301 15.39 -2.17 17.41
N LYS A 302 16.16 -1.67 16.45
CA LYS A 302 16.69 -2.48 15.33
C LYS A 302 15.60 -2.98 14.38
N THR A 303 14.41 -2.39 14.44
CA THR A 303 13.35 -2.82 13.54
C THR A 303 12.96 -1.70 12.57
N ILE A 304 12.26 -2.14 11.53
CA ILE A 304 11.61 -1.28 10.57
C ILE A 304 10.11 -1.41 10.79
N LYS A 305 9.38 -0.31 10.73
CA LYS A 305 7.93 -0.37 10.86
C LYS A 305 7.29 0.20 9.60
N LEU A 306 6.21 -0.46 9.18
CA LEU A 306 5.39 -0.04 8.04
C LEU A 306 4.04 0.46 8.55
N TRP A 307 3.70 1.68 8.15
CA TRP A 307 2.51 2.40 8.58
C TRP A 307 1.68 2.72 7.34
N LYS A 308 0.36 2.58 7.44
CA LYS A 308 -0.53 2.86 6.29
C LYS A 308 -1.60 3.84 6.70
N SER A 309 -1.94 4.74 5.77
CA SER A 309 -2.98 5.73 5.95
C SER A 309 -4.04 5.53 4.86
N ASP A 310 -5.28 5.91 5.16
CA ASP A 310 -6.36 5.82 4.19
C ASP A 310 -6.39 7.00 3.24
N CYS A 311 -5.54 7.99 3.48
CA CYS A 311 -5.50 9.16 2.61
C CYS A 311 -4.15 9.87 2.71
N THR B 1 20.05 -17.51 9.42
CA THR B 1 19.24 -16.88 8.37
C THR B 1 17.78 -16.78 8.76
N GLN B 2 17.07 -15.81 8.17
CA GLN B 2 15.65 -15.61 8.43
C GLN B 2 14.78 -16.00 7.26
N THR B 6 8.60 -20.99 1.70
CA THR B 6 7.42 -20.61 0.87
C THR B 6 6.45 -21.79 0.80
N PRO B 7 5.27 -21.66 1.36
CA PRO B 7 4.37 -22.83 1.41
C PRO B 7 3.90 -23.31 0.03
N VAL B 8 3.90 -24.62 -0.18
CA VAL B 8 3.37 -25.19 -1.41
C VAL B 8 1.83 -25.21 -1.38
N LYS B 9 1.26 -25.44 -0.21
CA LYS B 9 -0.19 -25.41 -0.06
C LYS B 9 -0.55 -25.07 1.37
N PRO B 10 -1.72 -24.46 1.57
CA PRO B 10 -2.24 -24.26 2.92
C PRO B 10 -2.91 -25.55 3.41
N ASN B 11 -3.35 -25.56 4.66
CA ASN B 11 -4.05 -26.73 5.19
C ASN B 11 -5.32 -26.27 5.92
N TYR B 12 -6.11 -25.43 5.25
CA TYR B 12 -7.39 -25.00 5.80
C TYR B 12 -8.25 -26.20 6.21
N ALA B 13 -8.79 -26.14 7.43
CA ALA B 13 -9.65 -27.19 7.98
C ALA B 13 -10.84 -26.53 8.64
N LEU B 14 -11.99 -27.20 8.59
CA LEU B 14 -13.23 -26.67 9.15
C LEU B 14 -13.14 -26.53 10.67
N LYS B 15 -13.42 -25.34 11.18
CA LYS B 15 -13.48 -25.15 12.62
C LYS B 15 -14.89 -24.90 13.13
N PHE B 16 -15.69 -24.09 12.43
CA PHE B 16 -17.03 -23.75 12.92
C PHE B 16 -17.99 -23.66 11.77
N THR B 17 -19.25 -24.01 12.05
CA THR B 17 -20.34 -23.75 11.14
C THR B 17 -21.35 -22.84 11.83
N LEU B 18 -21.67 -21.74 11.15
CA LEU B 18 -22.47 -20.65 11.70
C LEU B 18 -23.88 -20.72 11.12
N ALA B 19 -24.83 -21.17 11.92
CA ALA B 19 -26.21 -21.34 11.47
C ALA B 19 -27.06 -20.21 12.00
N GLY B 20 -28.12 -19.86 11.28
CA GLY B 20 -29.05 -18.88 11.78
C GLY B 20 -29.79 -18.16 10.70
N HIS B 21 -29.16 -17.93 9.55
CA HIS B 21 -29.93 -17.39 8.43
C HIS B 21 -30.99 -18.38 7.97
N THR B 22 -32.08 -17.86 7.43
CA THR B 22 -33.19 -18.70 7.06
C THR B 22 -33.41 -18.79 5.55
N LYS B 23 -32.59 -18.06 4.80
CA LYS B 23 -32.54 -18.16 3.33
C LYS B 23 -31.08 -18.12 2.93
N ALA B 24 -30.81 -18.16 1.62
CA ALA B 24 -29.45 -18.13 1.11
C ALA B 24 -28.64 -17.04 1.78
N VAL B 25 -27.38 -17.35 2.09
CA VAL B 25 -26.46 -16.31 2.49
C VAL B 25 -25.99 -15.66 1.17
N SER B 26 -25.72 -14.37 1.20
CA SER B 26 -25.29 -13.66 -0.01
C SER B 26 -23.86 -13.11 0.07
N SER B 27 -23.38 -12.80 1.28
N SER B 27 -23.39 -12.73 1.26
CA SER B 27 -22.07 -12.17 1.43
CA SER B 27 -22.01 -12.24 1.38
C SER B 27 -21.53 -12.39 2.84
C SER B 27 -21.54 -12.45 2.81
N VAL B 28 -20.21 -12.59 2.95
CA VAL B 28 -19.56 -12.58 4.24
C VAL B 28 -18.33 -11.68 4.14
N LYS B 29 -18.04 -10.94 5.20
CA LYS B 29 -16.92 -10.00 5.25
C LYS B 29 -16.33 -9.92 6.64
N PHE B 30 -15.01 -10.00 6.76
CA PHE B 30 -14.34 -9.78 8.04
C PHE B 30 -14.17 -8.29 8.30
N SER B 31 -14.38 -7.88 9.55
CA SER B 31 -14.12 -6.49 9.92
C SER B 31 -12.61 -6.20 9.78
N PRO B 32 -12.26 -4.95 9.42
CA PRO B 32 -10.83 -4.62 9.31
C PRO B 32 -10.05 -4.85 10.59
N ASN B 33 -10.68 -4.74 11.76
CA ASN B 33 -9.94 -4.96 13.00
C ASN B 33 -9.80 -6.45 13.36
N GLY B 34 -10.32 -7.35 12.51
CA GLY B 34 -10.12 -8.77 12.72
C GLY B 34 -11.03 -9.44 13.72
N GLU B 35 -11.90 -8.68 14.39
CA GLU B 35 -12.68 -9.26 15.49
C GLU B 35 -13.99 -9.90 15.05
N TRP B 36 -14.53 -9.48 13.91
CA TRP B 36 -15.91 -9.83 13.55
C TRP B 36 -16.02 -10.31 12.13
N LEU B 37 -17.06 -11.11 11.91
CA LEU B 37 -17.54 -11.45 10.58
C LEU B 37 -18.96 -10.94 10.47
N ALA B 38 -19.26 -10.26 9.37
CA ALA B 38 -20.64 -9.91 9.03
C ALA B 38 -21.12 -10.78 7.89
N SER B 39 -22.38 -11.20 7.97
CA SER B 39 -23.03 -11.91 6.88
C SER B 39 -24.31 -11.22 6.49
N SER B 40 -24.66 -11.30 5.22
CA SER B 40 -25.94 -10.82 4.71
C SER B 40 -26.67 -11.97 4.07
N SER B 41 -27.98 -11.84 3.97
CA SER B 41 -28.78 -12.91 3.42
C SER B 41 -30.05 -12.44 2.69
N ALA B 42 -30.56 -13.31 1.82
CA ALA B 42 -31.89 -13.15 1.23
C ALA B 42 -32.98 -13.08 2.28
N ASP B 43 -32.69 -13.48 3.53
CA ASP B 43 -33.67 -13.39 4.61
C ASP B 43 -33.83 -11.98 5.19
N LYS B 44 -33.20 -10.99 4.55
CA LYS B 44 -33.33 -9.56 4.91
C LYS B 44 -32.49 -9.16 6.11
N LEU B 45 -31.67 -10.09 6.60
CA LEU B 45 -30.92 -9.85 7.81
C LEU B 45 -29.42 -9.76 7.60
N ILE B 46 -28.79 -9.03 8.49
CA ILE B 46 -27.35 -9.05 8.69
C ILE B 46 -27.08 -9.72 10.02
N LYS B 47 -26.11 -10.61 10.07
CA LYS B 47 -25.68 -11.17 11.34
C LYS B 47 -24.19 -10.93 11.55
N ILE B 48 -23.82 -10.76 12.81
CA ILE B 48 -22.45 -10.50 13.23
C ILE B 48 -22.03 -11.69 14.08
N TRP B 49 -20.80 -12.14 13.87
CA TRP B 49 -20.23 -13.33 14.49
C TRP B 49 -18.80 -13.06 14.90
N GLY B 50 -18.33 -13.74 15.94
CA GLY B 50 -16.93 -13.64 16.31
C GLY B 50 -16.03 -14.24 15.24
N ALA B 51 -14.99 -13.52 14.83
CA ALA B 51 -14.14 -13.98 13.74
C ALA B 51 -13.26 -15.17 14.12
N TYR B 52 -12.93 -15.29 15.40
CA TYR B 52 -11.99 -16.33 15.85
C TYR B 52 -12.71 -17.56 16.35
N ASP B 53 -13.94 -17.38 16.80
CA ASP B 53 -14.66 -18.47 17.44
C ASP B 53 -16.02 -18.78 16.82
N GLY B 54 -16.44 -18.00 15.82
CA GLY B 54 -17.72 -18.22 15.18
C GLY B 54 -18.94 -17.90 16.02
N LYS B 55 -18.75 -17.34 17.21
CA LYS B 55 -19.89 -17.19 18.11
C LYS B 55 -20.82 -16.07 17.68
N PHE B 56 -22.11 -16.39 17.62
CA PHE B 56 -23.13 -15.40 17.25
C PHE B 56 -23.07 -14.19 18.17
N GLU B 57 -23.09 -13.00 17.58
CA GLU B 57 -23.06 -11.76 18.35
C GLU B 57 -24.41 -11.03 18.28
N LYS B 58 -24.91 -10.77 17.07
CA LYS B 58 -26.17 -10.05 16.95
C LYS B 58 -26.75 -10.14 15.55
N THR B 59 -28.04 -9.81 15.47
CA THR B 59 -28.74 -9.66 14.21
C THR B 59 -29.11 -8.19 14.00
N ILE B 60 -28.92 -7.69 12.78
CA ILE B 60 -29.24 -6.33 12.42
C ILE B 60 -30.34 -6.38 11.36
N SER B 61 -31.45 -5.71 11.60
N SER B 61 -31.44 -5.68 11.62
CA SER B 61 -32.63 -5.83 10.75
CA SER B 61 -32.67 -5.79 10.84
C SER B 61 -33.19 -4.47 10.36
C SER B 61 -33.15 -4.43 10.35
N GLY B 62 -33.90 -4.43 9.24
CA GLY B 62 -34.56 -3.22 8.79
C GLY B 62 -34.82 -3.18 7.31
N HIS B 63 -34.00 -3.82 6.49
CA HIS B 63 -34.35 -3.91 5.06
C HIS B 63 -35.68 -4.62 4.86
N LYS B 64 -36.39 -4.22 3.80
CA LYS B 64 -37.72 -4.76 3.52
C LYS B 64 -37.68 -5.97 2.59
N LEU B 65 -36.55 -6.17 1.91
CA LEU B 65 -36.35 -7.30 1.02
C LEU B 65 -34.93 -7.80 1.24
N GLY B 66 -34.57 -8.86 0.51
CA GLY B 66 -33.29 -9.50 0.69
C GLY B 66 -32.10 -8.58 0.48
N ILE B 67 -30.97 -8.99 1.05
CA ILE B 67 -29.73 -8.23 0.96
C ILE B 67 -28.73 -9.01 0.12
N SER B 68 -28.04 -8.34 -0.81
CA SER B 68 -27.04 -9.00 -1.64
C SER B 68 -25.61 -8.80 -1.15
N ASP B 69 -25.35 -7.77 -0.36
CA ASP B 69 -23.96 -7.43 -0.04
C ASP B 69 -23.96 -6.61 1.22
N VAL B 70 -22.87 -6.74 1.98
CA VAL B 70 -22.61 -5.90 3.13
C VAL B 70 -21.11 -5.57 3.14
N ALA B 71 -20.73 -4.43 3.70
CA ALA B 71 -19.32 -4.02 3.72
C ALA B 71 -19.05 -3.18 4.93
N TRP B 72 -17.83 -3.28 5.47
CA TRP B 72 -17.38 -2.57 6.67
C TRP B 72 -16.70 -1.25 6.36
N SER B 73 -16.87 -0.29 7.25
CA SER B 73 -16.02 0.90 7.24
C SER B 73 -14.62 0.55 7.78
N SER B 74 -13.66 1.40 7.48
CA SER B 74 -12.28 1.13 7.87
C SER B 74 -12.08 0.99 9.38
N ASP B 75 -12.85 1.74 10.16
CA ASP B 75 -12.70 1.68 11.60
C ASP B 75 -13.53 0.57 12.24
N SER B 76 -14.17 -0.27 11.40
CA SER B 76 -15.00 -1.43 11.86
C SER B 76 -16.26 -1.01 12.62
N ASN B 77 -16.62 0.27 12.61
CA ASN B 77 -17.78 0.71 13.39
C ASN B 77 -19.07 0.77 12.60
N LEU B 78 -18.97 0.86 11.27
CA LEU B 78 -20.15 0.95 10.42
C LEU B 78 -20.20 -0.19 9.43
N LEU B 79 -21.42 -0.53 9.01
CA LEU B 79 -21.67 -1.40 7.88
C LEU B 79 -22.53 -0.67 6.87
N VAL B 80 -22.37 -1.01 5.60
CA VAL B 80 -23.35 -0.61 4.59
C VAL B 80 -23.85 -1.90 3.94
N SER B 81 -25.15 -1.96 3.66
CA SER B 81 -25.78 -3.10 3.00
C SER B 81 -26.51 -2.66 1.74
N ALA B 82 -26.58 -3.55 0.77
CA ALA B 82 -27.23 -3.34 -0.52
C ALA B 82 -28.40 -4.31 -0.65
N SER B 83 -29.60 -3.79 -0.91
CA SER B 83 -30.80 -4.61 -0.88
C SER B 83 -31.67 -4.57 -2.14
N ASP B 84 -32.48 -5.61 -2.26
CA ASP B 84 -33.50 -5.70 -3.29
C ASP B 84 -34.58 -4.65 -3.09
N ASP B 85 -34.65 -4.04 -1.90
CA ASP B 85 -35.62 -2.96 -1.67
C ASP B 85 -35.19 -1.63 -2.32
N LYS B 86 -34.11 -1.68 -3.10
N LYS B 86 -34.12 -1.68 -3.10
CA LYS B 86 -33.61 -0.56 -3.94
CA LYS B 86 -33.61 -0.56 -3.93
C LYS B 86 -32.81 0.45 -3.11
C LYS B 86 -32.89 0.49 -3.09
N THR B 87 -32.61 0.16 -1.83
CA THR B 87 -31.85 1.05 -0.97
C THR B 87 -30.55 0.40 -0.52
N LEU B 88 -29.66 1.27 -0.06
CA LEU B 88 -28.59 0.85 0.86
C LEU B 88 -28.90 1.39 2.23
N LYS B 89 -28.42 0.70 3.26
CA LYS B 89 -28.51 1.25 4.61
C LYS B 89 -27.12 1.29 5.23
N ILE B 90 -26.88 2.35 5.99
CA ILE B 90 -25.67 2.49 6.78
C ILE B 90 -26.07 2.18 8.22
N TRP B 91 -25.31 1.29 8.85
CA TRP B 91 -25.62 0.76 10.16
C TRP B 91 -24.53 1.10 11.15
N ASP B 92 -24.92 1.45 12.37
CA ASP B 92 -23.99 1.53 13.48
C ASP B 92 -23.91 0.12 14.07
N VAL B 93 -22.76 -0.52 13.98
CA VAL B 93 -22.66 -1.93 14.36
C VAL B 93 -22.90 -2.12 15.88
N SER B 94 -22.37 -1.20 16.69
CA SER B 94 -22.55 -1.28 18.14
C SER B 94 -24.02 -1.26 18.57
N SER B 95 -24.79 -0.33 18.01
CA SER B 95 -26.19 -0.18 18.42
C SER B 95 -27.10 -1.10 17.62
N GLY B 96 -26.64 -1.54 16.45
CA GLY B 96 -27.47 -2.32 15.53
C GLY B 96 -28.49 -1.50 14.76
N LYS B 97 -28.43 -0.19 14.90
CA LYS B 97 -29.43 0.67 14.28
C LYS B 97 -29.00 1.30 12.96
N CYS B 98 -29.99 1.55 12.13
CA CYS B 98 -29.82 2.22 10.86
C CYS B 98 -29.57 3.72 11.05
N LEU B 99 -28.44 4.19 10.55
CA LEU B 99 -28.12 5.63 10.58
C LEU B 99 -28.71 6.39 9.39
N LYS B 100 -28.64 5.79 8.22
CA LYS B 100 -29.05 6.42 6.97
C LYS B 100 -29.60 5.37 6.04
N THR B 101 -30.60 5.76 5.25
CA THR B 101 -31.07 4.96 4.13
C THR B 101 -30.74 5.74 2.86
N LEU B 102 -30.00 5.10 1.96
CA LEU B 102 -29.49 5.70 0.73
C LEU B 102 -30.46 5.34 -0.38
N LYS B 103 -31.21 6.36 -0.82
CA LYS B 103 -32.28 6.18 -1.79
C LYS B 103 -31.89 6.84 -3.10
N GLY B 104 -32.17 6.15 -4.20
CA GLY B 104 -31.92 6.72 -5.51
C GLY B 104 -31.89 5.67 -6.59
N HIS B 105 -31.35 4.48 -6.29
CA HIS B 105 -31.41 3.42 -7.30
C HIS B 105 -32.86 3.07 -7.65
N SER B 106 -33.09 2.64 -8.90
CA SER B 106 -34.44 2.34 -9.35
C SER B 106 -34.67 0.84 -9.47
N ASN B 107 -33.72 0.03 -9.02
CA ASN B 107 -33.89 -1.42 -9.00
C ASN B 107 -32.97 -2.00 -7.94
N TYR B 108 -32.88 -3.32 -7.83
CA TYR B 108 -32.10 -3.98 -6.79
C TYR B 108 -30.69 -3.40 -6.69
N VAL B 109 -30.21 -3.19 -5.47
CA VAL B 109 -28.82 -2.79 -5.29
C VAL B 109 -28.06 -4.08 -5.02
N PHE B 110 -27.02 -4.35 -5.81
N PHE B 110 -27.01 -4.34 -5.78
CA PHE B 110 -26.32 -5.63 -5.82
CA PHE B 110 -26.36 -5.64 -5.71
C PHE B 110 -24.99 -5.65 -5.08
C PHE B 110 -25.00 -5.65 -5.03
N CYS B 111 -24.32 -4.51 -5.01
CA CYS B 111 -22.97 -4.48 -4.49
C CYS B 111 -22.67 -3.12 -3.86
N CYS B 112 -21.74 -3.12 -2.91
CA CYS B 112 -21.41 -1.90 -2.18
C CYS B 112 -20.06 -1.99 -1.49
N ASN B 113 -19.47 -0.82 -1.26
CA ASN B 113 -18.21 -0.73 -0.53
C ASN B 113 -18.03 0.67 -0.02
N PHE B 114 -17.40 0.80 1.14
CA PHE B 114 -16.85 2.09 1.57
C PHE B 114 -15.54 2.36 0.85
N ASN B 115 -15.16 3.63 0.69
CA ASN B 115 -13.77 3.89 0.38
C ASN B 115 -12.93 3.74 1.64
N PRO B 116 -11.60 3.64 1.51
CA PRO B 116 -10.78 3.46 2.71
C PRO B 116 -10.91 4.62 3.69
N GLN B 117 -11.02 5.83 3.21
CA GLN B 117 -11.23 6.94 4.12
C GLN B 117 -12.57 6.78 4.87
N SER B 118 -13.53 6.14 4.19
CA SER B 118 -14.89 5.78 4.64
C SER B 118 -15.80 7.00 4.80
N ASN B 119 -15.45 8.07 4.08
CA ASN B 119 -16.39 9.19 3.91
C ASN B 119 -17.34 8.94 2.72
N LEU B 120 -17.02 7.97 1.86
CA LEU B 120 -17.87 7.65 0.71
C LEU B 120 -18.29 6.20 0.73
N ILE B 121 -19.43 5.95 0.09
CA ILE B 121 -19.86 4.61 -0.31
C ILE B 121 -20.06 4.57 -1.82
N VAL B 122 -19.66 3.46 -2.43
CA VAL B 122 -20.01 3.19 -3.82
C VAL B 122 -20.99 2.02 -3.88
N SER B 123 -21.94 2.09 -4.82
CA SER B 123 -22.94 1.05 -5.02
C SER B 123 -23.11 0.75 -6.50
N GLY B 124 -23.53 -0.47 -6.77
CA GLY B 124 -23.88 -0.94 -8.12
C GLY B 124 -25.24 -1.61 -8.06
N SER B 125 -26.02 -1.40 -9.12
CA SER B 125 -27.39 -1.89 -9.20
C SER B 125 -27.77 -2.56 -10.51
N PHE B 126 -28.84 -3.32 -10.32
CA PHE B 126 -29.57 -3.85 -11.52
CA PHE B 126 -29.56 -3.87 -11.45
C PHE B 126 -30.06 -2.74 -12.52
N ASP B 127 -30.15 -1.52 -11.97
CA ASP B 127 -30.52 -0.37 -12.79
C ASP B 127 -29.37 0.07 -13.74
N GLU B 128 -28.20 -0.62 -13.65
CA GLU B 128 -27.09 -0.42 -14.60
C GLU B 128 -26.23 0.79 -14.25
N SER B 129 -26.50 1.42 -13.15
CA SER B 129 -25.71 2.54 -12.69
C SER B 129 -24.81 2.19 -11.50
N VAL B 130 -23.81 3.04 -11.32
CA VAL B 130 -22.98 3.09 -10.13
C VAL B 130 -23.27 4.42 -9.45
N ARG B 131 -23.50 4.41 -8.14
CA ARG B 131 -23.70 5.66 -7.40
C ARG B 131 -22.61 5.81 -6.34
N ILE B 132 -22.25 7.07 -6.09
CA ILE B 132 -21.30 7.44 -5.08
C ILE B 132 -22.04 8.30 -4.07
N TRP B 133 -21.93 7.92 -2.80
CA TRP B 133 -22.75 8.49 -1.73
C TRP B 133 -21.88 9.10 -0.64
N ASP B 134 -22.36 10.16 -0.04
CA ASP B 134 -21.69 10.80 1.09
C ASP B 134 -22.20 10.12 2.37
N VAL B 135 -21.30 9.56 3.15
CA VAL B 135 -21.67 8.85 4.37
C VAL B 135 -22.30 9.78 5.41
N LYS B 136 -21.76 10.97 5.56
CA LYS B 136 -22.23 11.88 6.59
C LYS B 136 -23.65 12.39 6.32
N THR B 137 -23.94 12.74 5.08
CA THR B 137 -25.29 13.26 4.77
C THR B 137 -26.24 12.17 4.33
N GLY B 138 -25.71 11.03 3.88
CA GLY B 138 -26.56 9.98 3.35
C GLY B 138 -27.16 10.30 1.99
N LYS B 139 -26.62 11.30 1.31
CA LYS B 139 -27.13 11.68 0.00
C LYS B 139 -26.21 11.25 -1.13
N CYS B 140 -26.81 11.06 -2.30
CA CYS B 140 -26.05 10.69 -3.48
C CYS B 140 -25.26 11.87 -4.00
N LEU B 141 -23.97 11.68 -4.24
CA LEU B 141 -23.11 12.69 -4.82
C LEU B 141 -23.05 12.61 -6.33
N LYS B 142 -22.95 11.39 -6.87
CA LYS B 142 -22.82 11.20 -8.31
C LYS B 142 -23.54 9.94 -8.72
N THR B 143 -24.14 9.97 -9.91
CA THR B 143 -24.70 8.79 -10.55
C THR B 143 -23.96 8.58 -11.85
N LEU B 144 -23.32 7.43 -12.01
CA LEU B 144 -22.54 7.12 -13.20
C LEU B 144 -23.35 6.17 -14.08
N PRO B 145 -23.55 6.51 -15.36
CA PRO B 145 -24.27 5.59 -16.26
C PRO B 145 -23.29 4.52 -16.73
N ALA B 146 -22.96 3.64 -15.80
CA ALA B 146 -21.71 2.89 -15.89
C ALA B 146 -21.73 1.75 -16.90
N HIS B 147 -22.89 1.11 -17.05
CA HIS B 147 -22.98 -0.15 -17.76
C HIS B 147 -24.29 -0.26 -18.50
N SER B 148 -24.44 -1.30 -19.31
CA SER B 148 -25.68 -1.51 -20.07
C SER B 148 -26.36 -2.81 -19.65
N ASP B 149 -26.05 -3.27 -18.44
CA ASP B 149 -26.66 -4.45 -17.84
C ASP B 149 -26.37 -4.33 -16.34
N PRO B 150 -26.94 -5.21 -15.51
CA PRO B 150 -26.69 -5.09 -14.06
C PRO B 150 -25.20 -5.02 -13.68
N VAL B 151 -24.93 -4.21 -12.68
CA VAL B 151 -23.57 -4.03 -12.14
C VAL B 151 -23.34 -5.07 -11.05
N SER B 152 -22.34 -5.92 -11.27
CA SER B 152 -22.09 -7.05 -10.39
C SER B 152 -21.12 -6.78 -9.24
N ALA B 153 -20.23 -5.79 -9.39
CA ALA B 153 -19.27 -5.48 -8.34
C ALA B 153 -18.79 -4.05 -8.47
N VAL B 154 -18.42 -3.47 -7.33
CA VAL B 154 -17.80 -2.15 -7.24
C VAL B 154 -16.77 -2.16 -6.13
N HIS B 155 -15.61 -1.55 -6.37
CA HIS B 155 -14.51 -1.60 -5.41
C HIS B 155 -13.65 -0.35 -5.57
N PHE B 156 -13.23 0.22 -4.44
CA PHE B 156 -12.27 1.32 -4.43
C PHE B 156 -10.85 0.81 -4.34
N ASN B 157 -9.91 1.54 -4.93
CA ASN B 157 -8.50 1.26 -4.64
C ASN B 157 -8.11 1.85 -3.26
N ARG B 158 -6.83 1.75 -2.89
CA ARG B 158 -6.47 1.93 -1.47
C ARG B 158 -6.47 3.38 -1.00
N ASP B 159 -6.42 4.33 -1.93
CA ASP B 159 -6.61 5.73 -1.53
C ASP B 159 -7.96 6.28 -1.98
N GLY B 160 -8.83 5.41 -2.48
CA GLY B 160 -10.17 5.84 -2.87
C GLY B 160 -10.23 6.70 -4.12
N SER B 161 -9.13 6.82 -4.86
CA SER B 161 -9.11 7.69 -6.04
C SER B 161 -9.76 7.05 -7.25
N LEU B 162 -9.80 5.71 -7.28
CA LEU B 162 -10.39 4.96 -8.38
C LEU B 162 -11.45 4.01 -7.87
N ILE B 163 -12.43 3.77 -8.72
CA ILE B 163 -13.43 2.73 -8.56
C ILE B 163 -13.33 1.78 -9.74
N VAL B 164 -13.36 0.47 -9.48
CA VAL B 164 -13.54 -0.46 -10.58
C VAL B 164 -14.95 -1.07 -10.47
N SER B 165 -15.62 -1.15 -11.61
CA SER B 165 -16.94 -1.78 -11.67
C SER B 165 -16.94 -2.90 -12.71
N SER B 166 -17.83 -3.87 -12.49
CA SER B 166 -18.04 -4.93 -13.46
C SER B 166 -19.51 -5.11 -13.73
N SER B 167 -19.81 -5.72 -14.86
CA SER B 167 -21.19 -5.93 -15.25
C SER B 167 -21.40 -7.14 -16.14
N TYR B 168 -22.64 -7.61 -16.13
CA TYR B 168 -23.11 -8.62 -17.05
C TYR B 168 -22.98 -8.18 -18.51
N ASP B 169 -22.77 -6.87 -18.76
CA ASP B 169 -22.55 -6.41 -20.13
C ASP B 169 -21.19 -6.85 -20.68
N GLY B 170 -20.35 -7.47 -19.85
CA GLY B 170 -19.07 -7.99 -20.32
C GLY B 170 -17.90 -7.06 -20.07
N LEU B 171 -18.18 -5.90 -19.47
CA LEU B 171 -17.13 -4.92 -19.26
C LEU B 171 -16.68 -4.79 -17.82
N CYS B 172 -15.40 -4.43 -17.68
CA CYS B 172 -14.88 -3.82 -16.46
CA CYS B 172 -14.84 -3.75 -16.52
C CYS B 172 -14.51 -2.40 -16.78
N ARG B 173 -14.86 -1.46 -15.91
CA ARG B 173 -14.51 -0.06 -16.12
C ARG B 173 -13.83 0.50 -14.89
N ILE B 174 -12.87 1.40 -15.13
CA ILE B 174 -12.15 2.11 -14.09
C ILE B 174 -12.63 3.53 -14.11
N TRP B 175 -13.03 4.05 -12.95
CA TRP B 175 -13.63 5.37 -12.82
C TRP B 175 -12.79 6.23 -11.91
N ASP B 176 -12.69 7.50 -12.26
CA ASP B 176 -12.11 8.50 -11.38
C ASP B 176 -13.13 8.92 -10.35
N THR B 177 -12.87 8.65 -9.07
CA THR B 177 -13.85 8.94 -8.04
C THR B 177 -14.25 10.41 -8.03
N ALA B 178 -13.26 11.29 -8.10
CA ALA B 178 -13.52 12.70 -7.89
C ALA B 178 -14.44 13.31 -8.95
N SER B 179 -14.27 12.88 -10.20
CA SER B 179 -15.05 13.45 -11.30
C SER B 179 -16.17 12.55 -11.78
N GLY B 180 -16.10 11.28 -11.41
CA GLY B 180 -17.04 10.30 -11.94
C GLY B 180 -16.78 9.86 -13.38
N GLN B 181 -15.70 10.34 -14.00
CA GLN B 181 -15.46 10.03 -15.42
C GLN B 181 -14.67 8.74 -15.60
N CYS B 182 -14.91 8.07 -16.73
CA CYS B 182 -14.28 6.79 -17.00
C CYS B 182 -12.84 6.96 -17.46
N LEU B 183 -11.93 6.22 -16.83
CA LEU B 183 -10.51 6.22 -17.22
C LEU B 183 -10.19 5.12 -18.21
N LYS B 184 -10.85 3.97 -18.07
CA LYS B 184 -10.51 2.82 -18.90
C LYS B 184 -11.66 1.85 -18.94
N THR B 185 -11.88 1.25 -20.10
CA THR B 185 -12.79 0.12 -20.27
C THR B 185 -11.98 -1.09 -20.68
N LEU B 186 -12.10 -2.17 -19.93
CA LEU B 186 -11.44 -3.41 -20.30
C LEU B 186 -12.43 -4.34 -20.97
N ILE B 187 -12.04 -4.89 -22.11
CA ILE B 187 -12.87 -5.84 -22.83
C ILE B 187 -12.15 -7.17 -22.99
N ASP B 188 -12.85 -8.29 -22.86
CA ASP B 188 -12.26 -9.66 -22.98
C ASP B 188 -12.86 -10.29 -24.17
N ASP B 189 -12.09 -11.17 -24.78
CA ASP B 189 -12.54 -11.92 -25.90
C ASP B 189 -13.86 -12.65 -25.60
N ASP B 190 -14.77 -12.48 -26.50
CA ASP B 190 -16.10 -13.10 -26.42
C ASP B 190 -17.05 -12.40 -25.42
N ASN B 191 -16.61 -11.30 -24.78
CA ASN B 191 -17.34 -10.50 -23.74
C ASN B 191 -18.30 -11.22 -22.85
N PRO B 192 -17.80 -12.24 -22.21
CA PRO B 192 -18.69 -12.96 -21.30
C PRO B 192 -19.08 -12.06 -20.13
N PRO B 193 -20.25 -12.28 -19.52
CA PRO B 193 -20.63 -11.51 -18.34
C PRO B 193 -19.55 -11.51 -17.27
N VAL B 194 -19.27 -10.33 -16.72
CA VAL B 194 -18.30 -10.20 -15.64
C VAL B 194 -19.08 -10.15 -14.34
N SER B 195 -18.82 -11.12 -13.47
CA SER B 195 -19.62 -11.34 -12.28
C SER B 195 -18.97 -10.85 -11.00
N PHE B 196 -17.70 -10.47 -11.06
CA PHE B 196 -17.01 -9.93 -9.90
C PHE B 196 -15.74 -9.24 -10.36
N VAL B 197 -15.35 -8.18 -9.65
CA VAL B 197 -14.04 -7.56 -9.87
C VAL B 197 -13.60 -6.86 -8.60
N LYS B 198 -12.28 -6.78 -8.38
CA LYS B 198 -11.72 -5.94 -7.33
C LYS B 198 -10.27 -5.60 -7.68
N PHE B 199 -9.76 -4.54 -7.06
CA PHE B 199 -8.34 -4.19 -7.19
C PHE B 199 -7.47 -5.17 -6.40
N SER B 200 -6.24 -5.34 -6.87
CA SER B 200 -5.24 -6.19 -6.22
C SER B 200 -4.52 -5.49 -5.07
N PRO B 201 -3.84 -6.28 -4.22
CA PRO B 201 -3.16 -5.68 -3.06
C PRO B 201 -2.10 -4.62 -3.43
N ASN B 202 -1.45 -4.77 -4.58
CA ASN B 202 -0.41 -3.80 -4.95
C ASN B 202 -0.99 -2.59 -5.73
N GLY B 203 -2.31 -2.59 -5.93
CA GLY B 203 -3.01 -1.49 -6.56
C GLY B 203 -2.92 -1.42 -8.08
N LYS B 204 -2.24 -2.38 -8.69
CA LYS B 204 -1.93 -2.30 -10.12
C LYS B 204 -2.80 -3.19 -10.99
N TYR B 205 -3.45 -4.17 -10.37
CA TYR B 205 -4.18 -5.17 -11.14
C TYR B 205 -5.64 -5.21 -10.70
N ILE B 206 -6.46 -5.88 -11.50
CA ILE B 206 -7.84 -6.16 -11.11
C ILE B 206 -8.01 -7.67 -11.31
N LEU B 207 -8.70 -8.26 -10.34
CA LEU B 207 -9.09 -9.67 -10.40
C LEU B 207 -10.55 -9.73 -10.82
N ALA B 208 -10.83 -10.36 -11.95
CA ALA B 208 -12.17 -10.38 -12.54
C ALA B 208 -12.64 -11.81 -12.76
N ALA B 209 -13.86 -12.07 -12.32
CA ALA B 209 -14.55 -13.34 -12.62
C ALA B 209 -15.50 -13.16 -13.79
N THR B 210 -15.53 -14.13 -14.69
CA THR B 210 -16.48 -14.14 -15.77
C THR B 210 -17.29 -15.44 -15.70
N LEU B 211 -18.52 -15.43 -16.21
CA LEU B 211 -19.43 -16.55 -16.07
C LEU B 211 -19.16 -17.64 -17.12
N ASP B 212 -17.88 -17.92 -17.31
CA ASP B 212 -17.39 -19.02 -18.11
C ASP B 212 -16.32 -19.77 -17.31
N ASN B 213 -16.53 -19.83 -16.00
CA ASN B 213 -15.70 -20.64 -15.12
C ASN B 213 -14.24 -20.16 -15.08
N THR B 214 -14.04 -18.85 -15.14
CA THR B 214 -12.70 -18.31 -15.25
C THR B 214 -12.50 -17.09 -14.36
N LEU B 215 -11.34 -17.04 -13.68
CA LEU B 215 -10.85 -15.85 -13.00
C LEU B 215 -9.61 -15.36 -13.72
N LYS B 216 -9.48 -14.05 -13.88
CA LYS B 216 -8.28 -13.49 -14.51
C LYS B 216 -7.75 -12.31 -13.72
N LEU B 217 -6.42 -12.21 -13.66
CA LEU B 217 -5.74 -11.07 -13.08
C LEU B 217 -5.22 -10.21 -14.22
N TRP B 218 -5.73 -8.98 -14.30
CA TRP B 218 -5.43 -8.06 -15.39
C TRP B 218 -4.60 -6.87 -14.92
N ASP B 219 -3.60 -6.50 -15.70
CA ASP B 219 -3.00 -5.18 -15.55
C ASP B 219 -3.90 -4.18 -16.28
N TYR B 220 -4.63 -3.34 -15.55
CA TYR B 220 -5.71 -2.56 -16.16
C TYR B 220 -5.15 -1.40 -16.97
N SER B 221 -3.95 -0.95 -16.63
CA SER B 221 -3.33 0.15 -17.35
C SER B 221 -2.83 -0.34 -18.71
N LYS B 222 -2.23 -1.53 -18.72
CA LYS B 222 -1.66 -2.10 -19.94
C LYS B 222 -2.67 -2.94 -20.74
N GLY B 223 -3.78 -3.30 -20.13
CA GLY B 223 -4.77 -4.17 -20.75
C GLY B 223 -4.23 -5.55 -21.04
N LYS B 224 -3.42 -6.08 -20.13
CA LYS B 224 -2.73 -7.36 -20.29
C LYS B 224 -3.14 -8.35 -19.21
N CYS B 225 -3.45 -9.57 -19.62
CA CYS B 225 -3.81 -10.60 -18.66
C CYS B 225 -2.54 -11.25 -18.13
N LEU B 226 -2.37 -11.22 -16.82
CA LEU B 226 -1.17 -11.77 -16.20
C LEU B 226 -1.31 -13.20 -15.70
N LYS B 227 -2.48 -13.53 -15.15
CA LYS B 227 -2.75 -14.86 -14.59
C LYS B 227 -4.20 -15.22 -14.83
N THR B 228 -4.46 -16.51 -14.97
CA THR B 228 -5.79 -17.05 -15.16
C THR B 228 -5.93 -18.24 -14.22
N TYR B 229 -7.09 -18.35 -13.57
CA TYR B 229 -7.37 -19.43 -12.62
C TYR B 229 -8.64 -20.16 -13.03
N THR B 230 -8.54 -21.47 -13.21
CA THR B 230 -9.68 -22.27 -13.61
C THR B 230 -9.70 -23.58 -12.83
N GLY B 231 -10.76 -24.35 -13.06
CA GLY B 231 -10.95 -25.62 -12.39
C GLY B 231 -12.23 -25.67 -11.57
N HIS B 232 -12.74 -24.51 -11.20
CA HIS B 232 -13.99 -24.38 -10.45
C HIS B 232 -15.17 -24.23 -11.39
N LYS B 233 -16.37 -24.11 -10.83
N LYS B 233 -16.37 -24.10 -10.83
CA LYS B 233 -17.59 -23.96 -11.61
CA LYS B 233 -17.58 -23.96 -11.62
C LYS B 233 -18.22 -22.60 -11.33
C LYS B 233 -18.22 -22.61 -11.33
N ASN B 234 -18.36 -21.78 -12.36
CA ASN B 234 -19.00 -20.49 -12.19
C ASN B 234 -19.59 -20.02 -13.50
N GLU B 235 -20.85 -20.38 -13.73
CA GLU B 235 -21.58 -20.00 -14.93
C GLU B 235 -22.86 -19.24 -14.63
N LYS B 236 -23.23 -19.10 -13.36
CA LYS B 236 -24.54 -18.53 -13.06
C LYS B 236 -24.52 -17.41 -12.02
N TYR B 237 -23.79 -17.60 -10.92
CA TYR B 237 -23.90 -16.69 -9.79
C TYR B 237 -22.75 -15.71 -9.72
N CYS B 238 -22.99 -14.55 -9.12
N CYS B 238 -23.03 -14.54 -9.17
CA CYS B 238 -21.92 -13.62 -8.85
CA CYS B 238 -21.96 -13.62 -8.79
C CYS B 238 -21.18 -14.04 -7.59
C CYS B 238 -21.29 -14.25 -7.58
N ILE B 239 -20.07 -14.71 -7.78
CA ILE B 239 -19.30 -15.28 -6.71
C ILE B 239 -18.04 -14.45 -6.48
N PHE B 240 -17.88 -14.00 -5.25
CA PHE B 240 -16.71 -13.21 -4.87
C PHE B 240 -15.41 -13.98 -5.09
N ALA B 241 -14.31 -13.26 -5.25
CA ALA B 241 -13.00 -13.88 -5.17
C ALA B 241 -12.13 -13.01 -4.27
N ASN B 242 -11.11 -13.64 -3.67
CA ASN B 242 -10.24 -12.94 -2.72
C ASN B 242 -8.79 -13.17 -3.04
N PHE B 243 -7.98 -12.21 -2.60
CA PHE B 243 -6.54 -12.38 -2.43
C PHE B 243 -6.29 -12.77 -0.97
N SER B 244 -5.63 -13.90 -0.74
CA SER B 244 -5.23 -14.29 0.60
C SER B 244 -3.78 -13.81 0.82
N VAL B 245 -3.62 -12.82 1.69
CA VAL B 245 -2.36 -12.07 1.79
C VAL B 245 -1.63 -12.27 3.11
N THR B 246 -2.19 -13.09 3.99
CA THR B 246 -1.64 -13.23 5.35
C THR B 246 -0.54 -14.29 5.44
N GLY B 247 -0.65 -15.35 4.66
CA GLY B 247 0.29 -16.45 4.68
C GLY B 247 0.82 -16.66 3.27
N GLY B 248 0.68 -17.88 2.73
CA GLY B 248 1.01 -18.08 1.33
C GLY B 248 0.14 -17.22 0.42
N LYS B 249 0.68 -16.83 -0.73
CA LYS B 249 -0.07 -15.97 -1.63
C LYS B 249 -1.06 -16.80 -2.44
N TRP B 250 -2.34 -16.69 -2.10
CA TRP B 250 -3.38 -17.49 -2.77
C TRP B 250 -4.47 -16.61 -3.37
N ILE B 251 -5.19 -17.20 -4.30
CA ILE B 251 -6.48 -16.70 -4.76
C ILE B 251 -7.52 -17.66 -4.20
N VAL B 252 -8.64 -17.11 -3.71
CA VAL B 252 -9.72 -17.91 -3.09
C VAL B 252 -11.04 -17.58 -3.79
N SER B 253 -11.85 -18.60 -4.06
CA SER B 253 -13.19 -18.36 -4.59
C SER B 253 -14.14 -19.47 -4.20
N GLY B 254 -15.42 -19.14 -4.07
CA GLY B 254 -16.46 -20.15 -4.06
C GLY B 254 -16.69 -20.73 -5.44
N SER B 255 -17.66 -21.62 -5.54
CA SER B 255 -17.87 -22.40 -6.72
C SER B 255 -19.25 -23.02 -6.69
N GLU B 256 -19.79 -23.29 -7.88
CA GLU B 256 -21.13 -23.85 -8.01
C GLU B 256 -21.14 -25.36 -7.81
N ASP B 257 -19.99 -25.97 -7.55
CA ASP B 257 -19.94 -27.38 -7.15
C ASP B 257 -19.79 -27.54 -5.63
N ASN B 258 -20.07 -26.46 -4.89
CA ASN B 258 -20.21 -26.48 -3.42
C ASN B 258 -18.87 -26.51 -2.68
N LEU B 259 -17.79 -26.25 -3.42
CA LEU B 259 -16.43 -26.23 -2.84
C LEU B 259 -15.88 -24.82 -2.77
N VAL B 260 -14.97 -24.60 -1.84
CA VAL B 260 -14.08 -23.43 -1.86
C VAL B 260 -12.79 -23.83 -2.56
N TYR B 261 -12.42 -23.09 -3.59
CA TYR B 261 -11.17 -23.29 -4.32
C TYR B 261 -10.11 -22.32 -3.87
N ILE B 262 -8.88 -22.81 -3.76
CA ILE B 262 -7.72 -22.01 -3.41
C ILE B 262 -6.63 -22.31 -4.41
N TRP B 263 -6.10 -21.27 -5.05
CA TRP B 263 -5.05 -21.41 -6.05
C TRP B 263 -3.76 -20.72 -5.59
N ASN B 264 -2.63 -21.27 -6.04
CA ASN B 264 -1.34 -20.59 -5.98
C ASN B 264 -1.35 -19.37 -6.90
N LEU B 265 -1.14 -18.17 -6.34
CA LEU B 265 -1.16 -16.93 -7.11
C LEU B 265 -0.28 -17.00 -8.36
N GLN B 266 0.95 -17.48 -8.20
CA GLN B 266 1.90 -17.42 -9.29
C GLN B 266 1.77 -18.57 -10.26
N THR B 267 1.61 -19.79 -9.74
CA THR B 267 1.62 -20.93 -10.66
C THR B 267 0.25 -21.24 -11.23
N LYS B 268 -0.79 -20.71 -10.58
CA LYS B 268 -2.20 -20.86 -10.97
C LYS B 268 -2.73 -22.27 -10.72
N GLU B 269 -1.94 -23.10 -10.04
N GLU B 269 -1.97 -23.13 -10.06
CA GLU B 269 -2.41 -24.43 -9.66
CA GLU B 269 -2.45 -24.45 -9.69
C GLU B 269 -3.37 -24.40 -8.48
C GLU B 269 -3.39 -24.38 -8.49
N ILE B 270 -4.38 -25.27 -8.50
CA ILE B 270 -5.25 -25.44 -7.34
C ILE B 270 -4.45 -26.07 -6.23
N VAL B 271 -4.44 -25.45 -5.07
CA VAL B 271 -3.71 -26.00 -3.93
C VAL B 271 -4.59 -26.60 -2.85
N GLN B 272 -5.86 -26.23 -2.80
CA GLN B 272 -6.81 -26.86 -1.89
C GLN B 272 -8.22 -26.67 -2.40
N LYS B 273 -9.07 -27.65 -2.10
CA LYS B 273 -10.52 -27.53 -2.28
C LYS B 273 -11.18 -27.87 -0.96
N LEU B 274 -11.98 -26.96 -0.42
CA LEU B 274 -12.55 -27.17 0.90
C LEU B 274 -13.97 -27.71 0.76
N GLN B 275 -14.18 -28.89 1.32
CA GLN B 275 -15.45 -29.60 1.21
C GLN B 275 -16.24 -29.51 2.49
N GLY B 276 -17.55 -29.30 2.35
CA GLY B 276 -18.41 -29.29 3.52
C GLY B 276 -19.75 -28.65 3.27
N HIS B 277 -19.78 -27.60 2.45
CA HIS B 277 -21.07 -26.99 2.12
C HIS B 277 -21.93 -27.90 1.25
N THR B 278 -23.25 -27.68 1.28
CA THR B 278 -24.19 -28.53 0.55
C THR B 278 -24.99 -27.70 -0.45
N ASP B 279 -24.46 -26.54 -0.81
CA ASP B 279 -25.01 -25.75 -1.92
C ASP B 279 -23.88 -24.85 -2.43
N VAL B 280 -24.17 -24.12 -3.49
CA VAL B 280 -23.23 -23.19 -4.09
C VAL B 280 -22.57 -22.31 -3.05
N VAL B 281 -21.25 -22.21 -3.10
CA VAL B 281 -20.52 -21.28 -2.24
C VAL B 281 -20.45 -19.96 -2.96
N ILE B 282 -21.28 -19.02 -2.52
CA ILE B 282 -21.46 -17.76 -3.21
C ILE B 282 -20.48 -16.69 -2.76
N SER B 283 -19.94 -16.84 -1.56
CA SER B 283 -19.10 -15.80 -0.99
C SER B 283 -18.04 -16.42 -0.11
N THR B 284 -16.85 -15.85 -0.22
CA THR B 284 -15.72 -16.19 0.64
C THR B 284 -15.08 -14.88 1.08
N ALA B 285 -14.39 -14.92 2.21
CA ALA B 285 -13.65 -13.80 2.76
C ALA B 285 -12.41 -14.33 3.45
N CYS B 286 -11.35 -13.53 3.41
CA CYS B 286 -10.07 -13.86 4.04
C CYS B 286 -9.82 -12.89 5.20
N HIS B 287 -9.49 -13.43 6.37
CA HIS B 287 -9.24 -12.59 7.53
C HIS B 287 -8.07 -11.63 7.27
N PRO B 288 -8.14 -10.39 7.79
CA PRO B 288 -7.11 -9.41 7.39
C PRO B 288 -5.72 -9.69 7.96
N THR B 289 -5.59 -10.44 9.04
CA THR B 289 -4.24 -10.69 9.58
C THR B 289 -3.94 -12.15 9.85
N GLU B 290 -4.95 -12.99 10.03
CA GLU B 290 -4.75 -14.43 10.30
C GLU B 290 -5.16 -15.30 9.11
N ASN B 291 -4.66 -16.53 9.10
CA ASN B 291 -4.98 -17.46 8.03
C ASN B 291 -6.32 -18.15 8.33
N ILE B 292 -7.39 -17.40 8.09
CA ILE B 292 -8.75 -17.81 8.35
C ILE B 292 -9.59 -17.42 7.14
N ILE B 293 -10.39 -18.37 6.66
CA ILE B 293 -11.33 -18.13 5.57
C ILE B 293 -12.76 -18.32 6.07
N ALA B 294 -13.68 -17.42 5.67
CA ALA B 294 -15.11 -17.65 5.84
C ALA B 294 -15.73 -17.97 4.49
N SER B 295 -16.69 -18.87 4.48
CA SER B 295 -17.42 -19.21 3.26
C SER B 295 -18.90 -19.26 3.57
N ALA B 296 -19.71 -19.00 2.55
CA ALA B 296 -21.15 -18.97 2.73
C ALA B 296 -21.85 -19.56 1.54
N ALA B 297 -23.00 -20.17 1.79
CA ALA B 297 -23.68 -20.94 0.76
C ALA B 297 -25.17 -20.59 0.58
N LEU B 298 -25.68 -21.07 -0.55
CA LEU B 298 -27.06 -20.78 -0.95
C LEU B 298 -28.07 -21.64 -0.16
N GLU B 299 -29.34 -21.59 -0.57
CA GLU B 299 -30.43 -21.87 0.35
C GLU B 299 -30.65 -23.35 0.74
N ASN B 300 -30.00 -24.30 0.08
CA ASN B 300 -30.05 -25.67 0.60
C ASN B 300 -29.17 -25.83 1.84
N ASP B 301 -28.24 -24.89 2.03
CA ASP B 301 -27.24 -24.95 3.07
C ASP B 301 -27.45 -23.83 4.10
N LYS B 302 -27.39 -22.57 3.66
CA LYS B 302 -27.72 -21.41 4.50
C LYS B 302 -26.77 -21.19 5.66
N THR B 303 -25.60 -21.82 5.63
CA THR B 303 -24.63 -21.61 6.71
C THR B 303 -23.38 -20.91 6.21
N ILE B 304 -22.64 -20.41 7.19
CA ILE B 304 -21.31 -19.86 7.00
C ILE B 304 -20.34 -20.84 7.66
N LYS B 305 -19.21 -21.09 7.01
CA LYS B 305 -18.21 -21.95 7.62
C LYS B 305 -16.90 -21.17 7.79
N LEU B 306 -16.23 -21.41 8.92
CA LEU B 306 -14.93 -20.82 9.23
C LEU B 306 -13.88 -21.90 9.18
N TRP B 307 -12.83 -21.64 8.40
CA TRP B 307 -11.75 -22.59 8.13
C TRP B 307 -10.44 -21.94 8.55
N LYS B 308 -9.55 -22.71 9.17
CA LYS B 308 -8.27 -22.16 9.60
C LYS B 308 -7.12 -22.99 9.06
N SER B 309 -6.03 -22.30 8.71
CA SER B 309 -4.81 -22.91 8.20
C SER B 309 -3.61 -22.55 9.06
N ASP B 310 -2.59 -23.39 9.07
CA ASP B 310 -1.34 -23.09 9.76
C ASP B 310 -0.38 -22.26 8.91
N CYS B 311 -0.71 -22.03 7.64
CA CYS B 311 0.17 -21.23 6.79
C CYS B 311 -0.61 -20.58 5.65
C18 Q1M C . 5.92 24.03 -1.69
C16 Q1M C . 5.03 24.62 -0.79
C15 Q1M C . 3.65 24.57 -0.99
C20 Q1M C . 5.22 19.68 -4.32
C22 Q1M C . 4.55 20.06 -6.56
C23 Q1M C . 4.31 18.62 -4.16
C24 Q1M C . 4.17 17.96 -2.93
C11 Q1M C . 3.15 23.89 -2.11
C02 Q1M C . 4.97 18.37 -1.87
C03 Q1M C . 5.87 19.42 -2.00
C04 Q1M C . 5.99 20.07 -3.24
C12 Q1M C . 1.70 23.79 -2.38
BR1 Q1M C . 4.81 17.53 -0.20
S05 Q1M C . 7.17 21.40 -3.34
O06 Q1M C . 7.78 21.61 -2.06
N07 Q1M C . 6.25 22.75 -3.77
C08 Q1M C . 5.42 23.36 -2.79
C09 Q1M C . 4.04 23.30 -3.00
O10 Q1M C . 3.58 22.63 -4.09
O13 Q1M C . 0.94 24.58 -1.58
O14 Q1M C . 1.23 23.09 -3.26
CL7 Q1M C . 5.68 25.41 0.58
O19 Q1M C . 8.06 21.11 -4.46
O21 Q1M C . 5.41 20.35 -5.48
C18 Q1M D . 0.80 -10.54 -8.51
C16 Q1M D . 1.39 -11.71 -8.97
C15 Q1M D . 2.49 -12.30 -8.31
C20 Q1M D . 0.19 -9.08 -3.69
C22 Q1M D . 1.86 -7.47 -3.11
C23 Q1M D . 0.26 -9.79 -2.48
C24 Q1M D . -0.48 -10.96 -2.28
C11 Q1M D . 2.98 -11.69 -7.14
C02 Q1M D . -1.32 -11.42 -3.29
C03 Q1M D . -1.41 -10.73 -4.50
C04 Q1M D . -0.67 -9.56 -4.68
C12 Q1M D . 4.11 -12.24 -6.39
BR1 Q1M D . -2.34 -13.00 -3.05
S05 Q1M D . -0.84 -8.73 -6.25
O06 Q1M D . -1.74 -9.51 -7.08
N07 Q1M D . 0.74 -8.73 -6.84
C08 Q1M D . 1.28 -9.95 -7.36
C09 Q1M D . 2.36 -10.52 -6.69
O10 Q1M D . 2.82 -9.92 -5.54
O13 Q1M D . 4.47 -11.83 -5.30
O14 Q1M D . 4.75 -13.24 -7.05
CL7 Q1M D . 0.76 -12.44 -10.39
O19 Q1M D . -1.21 -7.35 -5.98
O21 Q1M D . 0.86 -7.94 -4.00
#